data_8EWW
#
_entry.id   8EWW
#
_cell.length_a   72.451
_cell.length_b   81.324
_cell.length_c   133.180
_cell.angle_alpha   90.000
_cell.angle_beta   104.510
_cell.angle_gamma   90.000
#
_symmetry.space_group_name_H-M   'P 1 21 1'
#
loop_
_entity.id
_entity.type
_entity.pdbx_description
1 polymer 'Fatty acid amide hydrolase'
2 water water
#
_entity_poly.entity_id   1
_entity_poly.type   'polypeptide(L)'
_entity_poly.pdbx_seq_one_letter_code
;MGKYQVMKRASEVDLSTVKYKAETMKAPHLTGLSFKLFVNLLEAPLIGSLIVDYLKKDNGMTKIFRNTVIPEEPMFRPEF
PSQEPEHDVVIVGEDESPIDRLETALKCLPQYDPSRSLHADPVSSFRYWKIRDYAYAYRSKLTTPLQVAKRIISIIEEFG
YDKPPTPFLIRFDANEVIKQAEASTRRFEQGNPISVLDGIFVTIKDDIDCLPHPTNGGTTWLHEDRSVEKDSAVVSKLRS
CGAILLGKANMHELGMGTTGNNSNYGTTRNPHDPKRYTGGSSSGSAAIVAAGLCSAALGTDGGGAVRIPSALCGITGLKT
TYGRTDMTGSLCEGGTVEIIGPLASSLEDAFLVYAAILGSSSADRYNLKPSPPCFPKLLSHNGSNAIGSLRLGKYTKWFN
DVSSSDISDKCEDILKLLSNNHGCKVVEIVVPELEEMRAAHVISIGSPTLSSLTPYCEAGKNSKLSYDTRTSFAIFRSFS
ASDYIAAQCLRRRLMEYHLNIFKDVDVIVTPTTGMTAPVIPPDALKNGETNIQVTTDLMRFVLAANLLGFPAISVPVGYD
KEGLPIGLQIMGRPWAEATVLGLAAAVEELAPVTKKPAIFYDILNTNKGEFEAYVEQKLISEEDLNSAVDHHHHHH
;
_entity_poly.pdbx_strand_id   A,B
#
# COMPACT_ATOMS: atom_id res chain seq x y z
N TYR A 4 -0.60 -28.21 -10.44
CA TYR A 4 -0.51 -27.98 -9.00
C TYR A 4 -0.39 -26.48 -8.68
N GLN A 5 0.40 -25.76 -9.48
CA GLN A 5 0.58 -24.33 -9.33
C GLN A 5 1.30 -23.80 -10.56
N VAL A 6 1.16 -22.50 -10.79
CA VAL A 6 1.81 -21.83 -11.90
C VAL A 6 2.82 -20.83 -11.35
N MET A 7 3.88 -20.61 -12.12
CA MET A 7 4.95 -19.69 -11.75
C MET A 7 5.05 -18.57 -12.78
N LYS A 8 5.71 -17.48 -12.39
CA LYS A 8 5.81 -16.30 -13.23
C LYS A 8 7.17 -15.65 -13.01
N ARG A 9 7.42 -14.57 -13.77
CA ARG A 9 8.56 -13.68 -13.62
C ARG A 9 8.24 -12.64 -14.69
N ALA A 10 8.36 -11.35 -14.37
CA ALA A 10 7.78 -10.31 -15.23
C ALA A 10 8.94 -9.73 -16.03
N SER A 11 10.07 -9.43 -15.38
CA SER A 11 11.21 -8.85 -16.07
C SER A 11 11.88 -9.81 -17.04
N GLU A 12 11.57 -11.11 -16.97
CA GLU A 12 12.18 -12.10 -17.84
C GLU A 12 11.23 -12.65 -18.89
N VAL A 13 10.02 -12.09 -19.00
CA VAL A 13 9.07 -12.54 -20.00
C VAL A 13 9.55 -12.15 -21.39
N ASP A 14 9.66 -13.14 -22.27
CA ASP A 14 10.00 -12.88 -23.67
C ASP A 14 8.81 -12.22 -24.36
N LEU A 15 8.97 -10.96 -24.74
CA LEU A 15 7.86 -10.21 -25.32
C LEU A 15 7.40 -10.79 -26.65
N SER A 16 8.31 -11.45 -27.37
CA SER A 16 7.97 -12.08 -28.63
C SER A 16 7.17 -13.38 -28.46
N THR A 17 6.92 -13.80 -27.23
CA THR A 17 6.12 -14.98 -26.94
C THR A 17 4.81 -14.66 -26.25
N VAL A 18 4.48 -13.38 -26.10
CA VAL A 18 3.25 -12.97 -25.45
C VAL A 18 2.11 -13.06 -26.46
N LYS A 19 1.03 -13.74 -26.08
CA LYS A 19 -0.10 -13.99 -26.95
C LYS A 19 -1.34 -13.28 -26.40
N TYR A 20 -2.03 -12.55 -27.27
CA TYR A 20 -3.21 -11.80 -26.86
C TYR A 20 -4.36 -12.77 -26.59
N LYS A 21 -4.73 -12.90 -25.32
CA LYS A 21 -5.83 -13.77 -24.93
C LYS A 21 -7.15 -13.01 -25.08
N ALA A 22 -8.04 -13.53 -25.92
CA ALA A 22 -9.22 -12.79 -26.38
C ALA A 22 -10.53 -13.46 -25.97
N GLU A 23 -10.58 -14.05 -24.77
CA GLU A 23 -11.81 -14.59 -24.23
C GLU A 23 -12.39 -13.58 -23.24
N THR A 24 -13.70 -13.35 -23.33
CA THR A 24 -14.36 -12.37 -22.48
C THR A 24 -14.81 -13.03 -21.18
N MET A 25 -15.52 -12.26 -20.35
CA MET A 25 -16.09 -12.78 -19.12
C MET A 25 -17.55 -13.16 -19.38
N LYS A 26 -17.83 -14.46 -19.43
CA LYS A 26 -19.17 -14.94 -19.74
C LYS A 26 -20.06 -14.92 -18.50
N ALA A 27 -21.30 -14.48 -18.69
CA ALA A 27 -22.29 -14.40 -17.63
C ALA A 27 -23.68 -14.19 -18.23
N PRO A 28 -24.74 -14.64 -17.57
CA PRO A 28 -26.09 -14.38 -18.08
C PRO A 28 -26.49 -12.93 -17.89
N HIS A 29 -27.63 -12.58 -18.50
CA HIS A 29 -28.15 -11.21 -18.47
C HIS A 29 -29.50 -11.25 -17.76
N LEU A 30 -29.51 -10.90 -16.49
CA LEU A 30 -30.71 -10.92 -15.67
C LEU A 30 -31.28 -9.51 -15.52
N THR A 31 -32.60 -9.41 -15.50
CA THR A 31 -33.29 -8.14 -15.38
C THR A 31 -34.52 -8.31 -14.52
N GLY A 32 -34.96 -7.19 -13.92
CA GLY A 32 -36.21 -7.12 -13.20
C GLY A 32 -36.44 -8.17 -12.13
N LEU A 33 -37.52 -8.95 -12.28
CA LEU A 33 -37.86 -9.95 -11.28
C LEU A 33 -36.78 -11.02 -11.18
N SER A 34 -36.22 -11.44 -12.32
CA SER A 34 -35.12 -12.38 -12.30
C SER A 34 -33.82 -11.75 -11.82
N PHE A 35 -33.80 -10.43 -11.59
CA PHE A 35 -32.64 -9.77 -11.00
C PHE A 35 -32.75 -9.63 -9.49
N LYS A 36 -33.97 -9.64 -8.94
CA LYS A 36 -34.12 -9.43 -7.50
C LYS A 36 -33.87 -10.70 -6.70
N LEU A 37 -34.25 -11.87 -7.23
CA LEU A 37 -34.15 -13.10 -6.46
C LEU A 37 -32.72 -13.63 -6.40
N PHE A 38 -32.00 -13.60 -7.53
CA PHE A 38 -30.63 -14.12 -7.54
C PHE A 38 -29.69 -13.26 -6.71
N VAL A 39 -30.00 -11.97 -6.53
CA VAL A 39 -29.27 -11.16 -5.58
C VAL A 39 -29.55 -11.62 -4.16
N ASN A 40 -30.81 -11.99 -3.88
CA ASN A 40 -31.15 -12.56 -2.57
C ASN A 40 -30.47 -13.90 -2.35
N LEU A 41 -30.11 -14.61 -3.41
CA LEU A 41 -29.34 -15.83 -3.25
C LEU A 41 -27.89 -15.53 -2.91
N LEU A 42 -27.34 -14.46 -3.50
CA LEU A 42 -25.98 -14.06 -3.16
C LEU A 42 -25.89 -13.58 -1.70
N GLU A 43 -26.95 -12.97 -1.18
CA GLU A 43 -27.00 -12.52 0.19
C GLU A 43 -27.50 -13.58 1.15
N ALA A 44 -27.68 -14.82 0.67
CA ALA A 44 -28.08 -15.91 1.54
C ALA A 44 -26.86 -16.46 2.28
N PRO A 45 -27.07 -16.98 3.51
CA PRO A 45 -25.92 -17.41 4.32
C PRO A 45 -25.07 -18.49 3.69
N LEU A 46 -25.67 -19.63 3.34
CA LEU A 46 -24.90 -20.76 2.85
C LEU A 46 -24.61 -20.64 1.36
N ILE A 47 -25.66 -20.62 0.54
CA ILE A 47 -25.47 -20.65 -0.92
C ILE A 47 -24.86 -19.35 -1.45
N GLY A 48 -24.88 -18.28 -0.66
CA GLY A 48 -24.29 -17.03 -1.13
C GLY A 48 -22.82 -17.16 -1.48
N SER A 49 -22.05 -17.74 -0.56
CA SER A 49 -20.63 -17.95 -0.82
C SER A 49 -20.39 -19.01 -1.88
N LEU A 50 -21.28 -20.02 -1.95
CA LEU A 50 -21.07 -21.12 -2.90
C LEU A 50 -21.21 -20.64 -4.35
N ILE A 51 -22.12 -19.70 -4.60
CA ILE A 51 -22.29 -19.18 -5.95
C ILE A 51 -21.10 -18.33 -6.36
N VAL A 52 -20.62 -17.47 -5.46
CA VAL A 52 -19.51 -16.58 -5.79
C VAL A 52 -18.21 -17.36 -5.94
N ASP A 53 -17.99 -18.36 -5.08
CA ASP A 53 -16.81 -19.21 -5.21
C ASP A 53 -16.79 -19.91 -6.56
N TYR A 54 -17.96 -20.28 -7.08
CA TYR A 54 -18.02 -20.92 -8.39
C TYR A 54 -17.78 -19.91 -9.51
N LEU A 55 -18.36 -18.71 -9.39
CA LEU A 55 -18.18 -17.69 -10.43
C LEU A 55 -16.71 -17.31 -10.57
N LYS A 56 -16.04 -17.04 -9.46
CA LYS A 56 -14.63 -16.67 -9.52
C LYS A 56 -13.75 -17.83 -9.98
N LYS A 57 -14.18 -19.07 -9.73
CA LYS A 57 -13.42 -20.23 -10.16
C LYS A 57 -13.61 -20.54 -11.63
N ASP A 58 -14.66 -20.00 -12.26
CA ASP A 58 -14.93 -20.27 -13.66
C ASP A 58 -14.32 -19.23 -14.59
N ASN A 59 -14.19 -17.97 -14.15
CA ASN A 59 -13.57 -16.94 -14.95
C ASN A 59 -12.08 -16.78 -14.65
N GLY A 60 -11.47 -17.77 -14.00
CA GLY A 60 -10.03 -17.78 -13.81
C GLY A 60 -9.50 -16.80 -12.79
N MET A 61 -10.31 -16.47 -11.77
CA MET A 61 -9.84 -15.59 -10.71
C MET A 61 -9.23 -16.33 -9.53
N THR A 62 -9.71 -17.54 -9.24
CA THR A 62 -9.10 -18.35 -8.19
C THR A 62 -7.75 -18.89 -8.62
N LYS A 63 -7.59 -19.20 -9.92
CA LYS A 63 -6.31 -19.68 -10.42
C LYS A 63 -5.24 -18.60 -10.31
N ILE A 64 -5.58 -17.36 -10.68
CA ILE A 64 -4.60 -16.27 -10.65
C ILE A 64 -4.26 -15.90 -9.21
N PHE A 65 -5.28 -15.81 -8.35
CA PHE A 65 -5.05 -15.29 -7.00
C PHE A 65 -4.50 -16.35 -6.06
N ARG A 66 -5.05 -17.57 -6.08
CA ARG A 66 -4.77 -18.55 -5.06
C ARG A 66 -4.02 -19.78 -5.55
N ASN A 67 -3.66 -19.84 -6.84
CA ASN A 67 -2.97 -21.00 -7.39
C ASN A 67 -1.74 -20.61 -8.22
N THR A 68 -1.23 -19.42 -8.04
CA THR A 68 -0.16 -18.89 -8.88
C THR A 68 0.86 -18.20 -7.98
N VAL A 69 2.13 -18.64 -8.06
CA VAL A 69 3.22 -18.12 -7.24
C VAL A 69 3.76 -16.88 -7.93
N ILE A 70 3.44 -15.70 -7.41
CA ILE A 70 3.82 -14.43 -8.04
C ILE A 70 5.13 -13.96 -7.41
N PRO A 71 6.23 -13.85 -8.18
CA PRO A 71 7.52 -13.49 -7.57
C PRO A 71 7.68 -12.01 -7.25
N GLU A 72 6.88 -11.14 -7.87
CA GLU A 72 7.03 -9.71 -7.65
C GLU A 72 6.52 -9.31 -6.27
N GLU A 73 7.06 -8.21 -5.75
CA GLU A 73 6.62 -7.64 -4.49
C GLU A 73 5.40 -6.75 -4.70
N PRO A 74 4.54 -6.63 -3.70
CA PRO A 74 3.30 -5.84 -3.89
C PRO A 74 3.62 -4.37 -4.14
N MET A 75 2.96 -3.81 -5.16
CA MET A 75 2.95 -2.37 -5.41
C MET A 75 1.56 -1.87 -5.01
N PHE A 76 1.46 -1.28 -3.82
CA PHE A 76 0.17 -0.89 -3.28
C PHE A 76 -0.40 0.36 -3.92
N ARG A 77 0.45 1.22 -4.48
CA ARG A 77 0.04 2.43 -5.17
C ARG A 77 0.99 2.65 -6.33
N PRO A 78 0.52 3.30 -7.40
CA PRO A 78 1.41 3.58 -8.55
C PRO A 78 2.71 4.25 -8.13
N GLU A 79 3.82 3.55 -8.32
CA GLU A 79 5.16 4.05 -8.01
C GLU A 79 5.82 4.47 -9.31
N PHE A 80 5.83 5.76 -9.56
CA PHE A 80 6.39 6.29 -10.80
C PHE A 80 7.86 6.65 -10.61
N PRO A 81 8.75 6.19 -11.47
CA PRO A 81 10.13 6.70 -11.46
C PRO A 81 10.17 8.10 -12.06
N SER A 82 11.36 8.70 -12.00
CA SER A 82 11.56 10.03 -12.55
C SER A 82 11.46 9.99 -14.06
N GLN A 83 10.54 10.77 -14.61
CA GLN A 83 10.32 10.81 -16.05
C GLN A 83 11.20 11.87 -16.70
N GLU A 84 11.61 11.59 -17.93
CA GLU A 84 12.32 12.60 -18.71
C GLU A 84 11.41 13.81 -18.93
N PRO A 85 11.96 15.02 -18.95
CA PRO A 85 11.10 16.21 -19.12
C PRO A 85 10.45 16.23 -20.49
N GLU A 86 9.21 16.70 -20.54
CA GLU A 86 8.48 16.75 -21.79
C GLU A 86 9.06 17.82 -22.72
N HIS A 87 8.76 17.67 -24.01
CA HIS A 87 9.26 18.57 -25.04
C HIS A 87 8.17 19.55 -25.43
N ASP A 88 8.53 20.84 -25.48
CA ASP A 88 7.67 21.88 -26.03
C ASP A 88 6.40 22.07 -25.21
N VAL A 89 6.58 22.28 -23.90
CA VAL A 89 5.49 22.55 -22.98
C VAL A 89 5.80 23.84 -22.22
N VAL A 90 4.88 24.24 -21.35
CA VAL A 90 5.03 25.43 -20.53
C VAL A 90 4.87 25.00 -19.07
N ILE A 91 5.97 25.04 -18.32
CA ILE A 91 5.94 24.59 -16.93
C ILE A 91 5.16 25.59 -16.08
N VAL A 92 4.27 25.09 -15.24
CA VAL A 92 3.48 25.90 -14.33
C VAL A 92 3.90 25.58 -12.90
N GLY A 93 3.96 26.62 -12.06
CA GLY A 93 4.43 26.42 -10.70
C GLY A 93 3.57 25.43 -9.94
N GLU A 94 4.23 24.69 -9.03
CA GLU A 94 3.48 23.75 -8.20
C GLU A 94 2.62 24.47 -7.17
N ASP A 95 3.04 25.63 -6.70
CA ASP A 95 2.28 26.38 -5.69
C ASP A 95 1.79 27.67 -6.33
N GLU A 96 0.67 27.55 -7.06
CA GLU A 96 0.05 28.67 -7.76
C GLU A 96 -1.46 28.57 -7.62
N SER A 97 -2.13 29.71 -7.78
CA SER A 97 -3.57 29.76 -7.69
C SER A 97 -4.21 29.34 -9.00
N PRO A 98 -5.45 28.83 -8.97
CA PRO A 98 -6.14 28.49 -10.21
C PRO A 98 -6.34 29.67 -11.14
N ILE A 99 -6.49 30.88 -10.59
CA ILE A 99 -6.61 32.07 -11.41
C ILE A 99 -5.34 32.33 -12.20
N ASP A 100 -4.18 32.21 -11.54
CA ASP A 100 -2.92 32.46 -12.22
C ASP A 100 -2.61 31.40 -13.27
N ARG A 101 -3.08 30.17 -13.06
CA ARG A 101 -2.83 29.12 -14.05
C ARG A 101 -3.70 29.32 -15.30
N LEU A 102 -4.92 29.82 -15.13
CA LEU A 102 -5.77 30.11 -16.28
C LEU A 102 -5.19 31.22 -17.14
N GLU A 103 -4.52 32.19 -16.52
CA GLU A 103 -3.83 33.22 -17.30
C GLU A 103 -2.77 32.62 -18.21
N THR A 104 -2.08 31.58 -17.73
CA THR A 104 -1.07 30.91 -18.53
C THR A 104 -1.71 30.00 -19.58
N ALA A 105 -2.82 29.35 -19.24
CA ALA A 105 -3.49 28.47 -20.18
C ALA A 105 -3.99 29.24 -21.40
N LEU A 106 -4.51 30.45 -21.18
CA LEU A 106 -4.97 31.26 -22.30
C LEU A 106 -3.83 31.62 -23.24
N LYS A 107 -2.61 31.72 -22.72
CA LYS A 107 -1.45 32.00 -23.57
C LYS A 107 -1.03 30.77 -24.37
N CYS A 108 -1.43 29.58 -23.95
CA CYS A 108 -1.08 28.35 -24.65
C CYS A 108 -2.06 27.98 -25.75
N LEU A 109 -3.15 28.72 -25.89
CA LEU A 109 -4.19 28.53 -26.88
C LEU A 109 -3.95 29.41 -28.10
N PRO A 110 -4.41 28.96 -29.28
CA PRO A 110 -4.34 29.83 -30.46
C PRO A 110 -5.20 31.08 -30.26
N GLN A 111 -4.88 32.10 -31.05
CA GLN A 111 -5.57 33.38 -30.92
C GLN A 111 -7.07 33.21 -31.12
N TYR A 112 -7.84 33.84 -30.24
CA TYR A 112 -9.30 33.73 -30.30
C TYR A 112 -9.83 34.55 -31.47
N ASP A 113 -10.44 33.87 -32.43
CA ASP A 113 -10.97 34.50 -33.63
C ASP A 113 -12.47 34.24 -33.74
N PRO A 114 -13.32 35.22 -33.43
CA PRO A 114 -14.76 35.05 -33.62
C PRO A 114 -15.19 35.12 -35.08
N SER A 115 -15.17 33.99 -35.77
CA SER A 115 -15.56 33.94 -37.19
C SER A 115 -16.69 32.94 -37.42
N SER A 125 -21.26 23.45 -40.80
CA SER A 125 -21.12 22.27 -39.95
C SER A 125 -21.30 22.63 -38.47
N PHE A 126 -22.02 21.76 -37.76
CA PHE A 126 -22.37 22.04 -36.37
C PHE A 126 -21.13 22.07 -35.48
N ARG A 127 -21.16 22.94 -34.47
CA ARG A 127 -20.05 23.10 -33.54
C ARG A 127 -20.60 23.34 -32.14
N TYR A 128 -19.95 22.77 -31.13
CA TYR A 128 -20.26 23.09 -29.75
C TYR A 128 -19.73 24.48 -29.40
N TRP A 129 -20.33 25.07 -28.37
CA TRP A 129 -19.82 26.33 -27.85
C TRP A 129 -18.58 26.10 -27.00
N LYS A 130 -17.66 27.06 -27.04
CA LYS A 130 -16.44 26.99 -26.26
C LYS A 130 -16.55 27.89 -25.03
N ILE A 131 -15.68 27.61 -24.05
CA ILE A 131 -15.64 28.44 -22.84
C ILE A 131 -15.21 29.86 -23.19
N ARG A 132 -14.26 30.00 -24.13
CA ARG A 132 -13.87 31.32 -24.59
C ARG A 132 -15.00 32.02 -25.36
N ASP A 133 -15.91 31.24 -25.95
CA ASP A 133 -17.08 31.83 -26.58
C ASP A 133 -18.01 32.44 -25.53
N TYR A 134 -18.29 31.70 -24.46
CA TYR A 134 -19.05 32.26 -23.34
C TYR A 134 -18.31 33.45 -22.73
N ALA A 135 -16.98 33.34 -22.61
CA ALA A 135 -16.21 34.40 -21.93
C ALA A 135 -16.21 35.68 -22.73
N TYR A 136 -16.17 35.59 -24.06
CA TYR A 136 -16.22 36.79 -24.89
C TYR A 136 -17.62 37.39 -24.91
N ALA A 137 -18.66 36.54 -24.89
CA ALA A 137 -20.03 37.03 -24.86
C ALA A 137 -20.34 37.78 -23.58
N TYR A 138 -19.71 37.38 -22.47
CA TYR A 138 -19.90 38.10 -21.20
C TYR A 138 -19.21 39.46 -21.23
N ARG A 139 -18.01 39.52 -21.82
CA ARG A 139 -17.24 40.76 -21.85
C ARG A 139 -17.71 41.71 -22.94
N SER A 140 -18.33 41.20 -23.99
CA SER A 140 -18.95 42.04 -25.01
C SER A 140 -20.37 42.45 -24.65
N LYS A 141 -20.83 42.10 -23.43
CA LYS A 141 -22.18 42.35 -22.93
C LYS A 141 -23.26 41.84 -23.88
N LEU A 142 -22.91 40.97 -24.83
CA LEU A 142 -23.90 40.36 -25.70
C LEU A 142 -24.94 39.61 -24.88
N THR A 143 -24.51 38.96 -23.80
CA THR A 143 -25.41 38.35 -22.84
C THR A 143 -24.76 38.49 -21.46
N THR A 144 -25.48 38.02 -20.44
CA THR A 144 -24.99 38.10 -19.08
C THR A 144 -25.16 36.75 -18.40
N PRO A 145 -24.27 36.40 -17.46
CA PRO A 145 -24.41 35.10 -16.78
C PRO A 145 -25.77 34.87 -16.16
N LEU A 146 -26.45 35.94 -15.70
CA LEU A 146 -27.79 35.77 -15.16
C LEU A 146 -28.77 35.35 -16.24
N GLN A 147 -28.66 35.92 -17.44
CA GLN A 147 -29.54 35.54 -18.53
C GLN A 147 -29.25 34.13 -19.02
N VAL A 148 -27.97 33.74 -19.04
CA VAL A 148 -27.63 32.37 -19.44
C VAL A 148 -28.14 31.37 -18.42
N ALA A 149 -28.12 31.73 -17.13
CA ALA A 149 -28.62 30.83 -16.10
C ALA A 149 -30.13 30.65 -16.22
N LYS A 150 -30.86 31.71 -16.59
CA LYS A 150 -32.31 31.57 -16.79
C LYS A 150 -32.63 30.62 -17.92
N ARG A 151 -31.82 30.64 -18.97
CA ARG A 151 -32.06 29.76 -20.09
C ARG A 151 -31.84 28.31 -19.69
N ILE A 152 -30.78 28.05 -18.92
CA ILE A 152 -30.49 26.69 -18.47
C ILE A 152 -31.57 26.19 -17.52
N ILE A 153 -31.95 27.02 -16.54
CA ILE A 153 -32.98 26.63 -15.59
C ILE A 153 -34.30 26.35 -16.30
N SER A 154 -34.63 27.17 -17.30
CA SER A 154 -35.84 26.93 -18.08
C SER A 154 -35.77 25.60 -18.81
N ILE A 155 -34.60 25.26 -19.37
CA ILE A 155 -34.42 23.99 -20.04
C ILE A 155 -34.40 22.82 -19.06
N ILE A 156 -34.04 23.06 -17.79
CA ILE A 156 -34.07 21.97 -16.82
C ILE A 156 -35.49 21.75 -16.30
N GLU A 157 -36.25 22.81 -16.07
CA GLU A 157 -37.54 22.69 -15.40
C GLU A 157 -38.67 22.28 -16.33
N GLU A 158 -38.53 22.50 -17.64
CA GLU A 158 -39.58 22.15 -18.59
C GLU A 158 -39.50 20.68 -19.02
N PHE A 159 -38.29 20.17 -19.26
CA PHE A 159 -38.09 18.76 -19.61
C PHE A 159 -37.86 17.88 -18.41
N GLY A 160 -37.68 18.45 -17.22
CA GLY A 160 -37.45 17.67 -16.02
C GLY A 160 -36.13 16.93 -16.03
N TYR A 161 -35.03 17.67 -16.24
CA TYR A 161 -33.71 17.08 -16.20
C TYR A 161 -33.15 16.98 -14.79
N ASP A 162 -33.84 17.52 -13.79
CA ASP A 162 -33.52 17.32 -12.39
C ASP A 162 -34.56 16.46 -11.68
N LYS A 163 -35.34 15.71 -12.43
CA LYS A 163 -36.42 14.88 -11.93
C LYS A 163 -36.40 13.55 -12.66
N PRO A 164 -36.95 12.50 -12.05
CA PRO A 164 -37.09 11.22 -12.76
C PRO A 164 -37.98 11.37 -13.97
N PRO A 165 -37.94 10.42 -14.93
CA PRO A 165 -37.12 9.20 -14.94
C PRO A 165 -35.79 9.33 -15.68
N THR A 166 -35.57 10.42 -16.41
CA THR A 166 -34.37 10.61 -17.22
C THR A 166 -33.69 11.92 -16.86
N PRO A 167 -33.07 11.99 -15.67
CA PRO A 167 -32.50 13.27 -15.23
C PRO A 167 -31.02 13.42 -15.54
N PHE A 168 -30.60 14.64 -15.89
CA PHE A 168 -29.19 14.98 -15.90
C PHE A 168 -28.68 15.22 -14.49
N LEU A 169 -29.51 15.79 -13.63
CA LEU A 169 -29.16 16.17 -12.27
C LEU A 169 -30.03 15.41 -11.27
N ILE A 170 -29.44 15.08 -10.13
CA ILE A 170 -30.18 14.51 -9.01
C ILE A 170 -30.15 15.40 -7.78
N ARG A 171 -29.49 16.57 -7.86
CA ARG A 171 -29.61 17.61 -6.85
C ARG A 171 -29.43 18.94 -7.56
N PHE A 172 -30.47 19.77 -7.56
CA PHE A 172 -30.45 21.01 -8.32
C PHE A 172 -31.28 22.06 -7.58
N ASP A 173 -30.62 23.14 -7.14
CA ASP A 173 -31.27 24.26 -6.47
C ASP A 173 -31.20 25.46 -7.42
N ALA A 174 -32.30 25.70 -8.15
CA ALA A 174 -32.32 26.76 -9.15
C ALA A 174 -32.08 28.13 -8.51
N ASN A 175 -32.61 28.34 -7.30
CA ASN A 175 -32.39 29.62 -6.62
C ASN A 175 -30.91 29.80 -6.26
N GLU A 176 -30.20 28.71 -5.99
CA GLU A 176 -28.78 28.80 -5.71
C GLU A 176 -27.98 29.14 -6.97
N VAL A 177 -28.41 28.63 -8.12
CA VAL A 177 -27.73 28.95 -9.38
C VAL A 177 -27.92 30.41 -9.73
N ILE A 178 -29.09 30.97 -9.43
CA ILE A 178 -29.35 32.38 -9.71
C ILE A 178 -28.46 33.26 -8.85
N LYS A 179 -28.27 32.89 -7.58
CA LYS A 179 -27.42 33.69 -6.69
C LYS A 179 -26.01 33.82 -7.24
N GLN A 180 -25.45 32.73 -7.78
CA GLN A 180 -24.11 32.79 -8.35
C GLN A 180 -24.09 33.60 -9.63
N ALA A 181 -25.11 33.42 -10.48
CA ALA A 181 -25.17 34.18 -11.73
C ALA A 181 -25.34 35.66 -11.49
N GLU A 182 -26.07 36.03 -10.42
CA GLU A 182 -26.19 37.44 -10.06
C GLU A 182 -24.86 38.02 -9.62
N ALA A 183 -24.08 37.25 -8.85
CA ALA A 183 -22.76 37.71 -8.44
C ALA A 183 -21.79 37.75 -9.61
N SER A 184 -21.92 36.80 -10.54
CA SER A 184 -21.06 36.80 -11.72
C SER A 184 -21.42 37.95 -12.65
N THR A 185 -22.72 38.26 -12.77
CA THR A 185 -23.15 39.38 -13.61
C THR A 185 -22.63 40.69 -13.05
N ARG A 186 -22.69 40.88 -11.73
CA ARG A 186 -22.22 42.13 -11.13
C ARG A 186 -20.73 42.32 -11.36
N ARG A 187 -19.96 41.24 -11.39
CA ARG A 187 -18.52 41.36 -11.64
C ARG A 187 -18.24 41.81 -13.07
N PHE A 188 -19.03 41.32 -14.03
CA PHE A 188 -18.88 41.80 -15.40
C PHE A 188 -19.40 43.22 -15.56
N GLU A 189 -20.43 43.59 -14.78
CA GLU A 189 -20.95 44.96 -14.86
C GLU A 189 -19.93 45.97 -14.37
N GLN A 190 -19.18 45.64 -13.30
CA GLN A 190 -18.14 46.52 -12.79
C GLN A 190 -16.81 46.36 -13.52
N GLY A 191 -16.73 45.49 -14.52
CA GLY A 191 -15.55 45.39 -15.35
C GLY A 191 -14.36 44.71 -14.71
N ASN A 192 -14.56 43.91 -13.67
CA ASN A 192 -13.49 43.16 -13.02
C ASN A 192 -13.90 41.70 -12.87
N PRO A 193 -13.94 40.95 -13.97
CA PRO A 193 -14.21 39.51 -13.87
C PRO A 193 -13.04 38.78 -13.25
N ILE A 194 -13.34 37.67 -12.57
CA ILE A 194 -12.30 36.94 -11.84
C ILE A 194 -11.33 36.29 -12.80
N SER A 195 -11.84 35.48 -13.74
CA SER A 195 -10.99 34.73 -14.65
C SER A 195 -11.81 34.41 -15.90
N VAL A 196 -11.24 33.56 -16.76
CA VAL A 196 -11.95 33.15 -17.97
C VAL A 196 -13.11 32.22 -17.64
N LEU A 197 -13.10 31.60 -16.47
CA LEU A 197 -14.18 30.73 -16.04
C LEU A 197 -15.30 31.46 -15.32
N ASP A 198 -15.22 32.79 -15.22
CA ASP A 198 -16.24 33.55 -14.48
C ASP A 198 -17.55 33.50 -15.24
N GLY A 199 -18.53 32.79 -14.68
CA GLY A 199 -19.82 32.61 -15.32
C GLY A 199 -19.98 31.30 -16.05
N ILE A 200 -18.92 30.51 -16.16
CA ILE A 200 -18.99 29.23 -16.84
C ILE A 200 -19.72 28.23 -15.94
N PHE A 201 -20.64 27.47 -16.54
CA PHE A 201 -21.47 26.53 -15.80
C PHE A 201 -20.80 25.17 -15.79
N VAL A 202 -20.53 24.65 -14.59
CA VAL A 202 -19.88 23.36 -14.39
C VAL A 202 -20.80 22.48 -13.57
N THR A 203 -21.02 21.25 -14.04
CA THR A 203 -21.79 20.26 -13.30
C THR A 203 -20.84 19.33 -12.55
N ILE A 204 -21.26 18.91 -11.35
CA ILE A 204 -20.43 18.11 -10.47
C ILE A 204 -21.06 16.72 -10.33
N LYS A 205 -20.25 15.68 -10.47
CA LYS A 205 -20.73 14.33 -10.26
C LYS A 205 -21.11 14.12 -8.80
N ASP A 206 -22.06 13.20 -8.59
CA ASP A 206 -22.68 13.04 -7.27
C ASP A 206 -21.78 12.39 -6.23
N ASP A 207 -20.55 12.01 -6.57
CA ASP A 207 -19.61 11.49 -5.59
C ASP A 207 -18.55 12.51 -5.19
N ILE A 208 -18.77 13.78 -5.52
CA ILE A 208 -17.85 14.87 -5.22
C ILE A 208 -18.61 15.92 -4.44
N ASP A 209 -18.00 16.43 -3.36
CA ASP A 209 -18.67 17.36 -2.47
C ASP A 209 -18.75 18.75 -3.08
N CYS A 210 -19.94 19.34 -3.08
CA CYS A 210 -20.17 20.66 -3.65
C CYS A 210 -21.30 21.33 -2.86
N LEU A 211 -20.96 22.33 -2.06
CA LEU A 211 -21.95 23.05 -1.29
C LEU A 211 -22.91 23.80 -2.20
N PRO A 212 -24.18 23.96 -1.79
CA PRO A 212 -24.74 23.48 -0.52
C PRO A 212 -25.40 22.12 -0.65
N HIS A 213 -25.01 21.36 -1.66
CA HIS A 213 -25.70 20.10 -1.93
C HIS A 213 -25.07 18.96 -1.13
N PRO A 214 -25.88 18.00 -0.68
CA PRO A 214 -25.32 16.81 -0.04
C PRO A 214 -24.66 15.89 -1.05
N THR A 215 -24.04 14.81 -0.58
CA THR A 215 -23.36 13.86 -1.45
C THR A 215 -23.95 12.47 -1.20
N ASN A 216 -24.51 11.86 -2.25
CA ASN A 216 -25.06 10.52 -2.17
C ASN A 216 -24.39 9.50 -3.07
N GLY A 217 -23.60 9.94 -4.05
CA GLY A 217 -22.96 9.01 -4.96
C GLY A 217 -23.93 8.14 -5.73
N GLY A 218 -25.14 8.62 -5.97
CA GLY A 218 -26.15 7.84 -6.65
C GLY A 218 -27.08 7.06 -5.73
N THR A 219 -26.90 7.16 -4.42
CA THR A 219 -27.75 6.46 -3.48
C THR A 219 -28.89 7.37 -3.04
N THR A 220 -29.73 6.84 -2.14
CA THR A 220 -30.83 7.61 -1.56
C THR A 220 -30.63 7.89 -0.08
N TRP A 221 -29.53 7.40 0.51
CA TRP A 221 -29.37 7.44 1.96
C TRP A 221 -28.01 7.92 2.44
N LEU A 222 -27.03 8.09 1.54
CA LEU A 222 -25.67 8.39 1.99
C LEU A 222 -25.58 9.71 2.73
N HIS A 223 -26.45 10.68 2.38
CA HIS A 223 -26.44 11.96 3.07
C HIS A 223 -26.77 11.82 4.56
N GLU A 224 -27.40 10.72 4.96
CA GLU A 224 -27.73 10.52 6.36
C GLU A 224 -26.49 10.17 7.17
N ASP A 225 -25.61 9.35 6.61
CA ASP A 225 -24.43 8.87 7.33
C ASP A 225 -23.18 9.70 7.07
N ARG A 226 -23.12 10.42 5.94
CA ARG A 226 -21.95 11.23 5.60
C ARG A 226 -22.43 12.62 5.22
N SER A 227 -22.06 13.61 6.02
CA SER A 227 -22.47 14.99 5.81
C SER A 227 -21.42 15.77 5.02
N VAL A 228 -21.83 16.93 4.53
CA VAL A 228 -20.96 17.81 3.74
C VAL A 228 -21.00 19.20 4.35
N GLU A 229 -19.85 19.66 4.85
CA GLU A 229 -19.74 20.98 5.46
C GLU A 229 -18.83 21.93 4.69
N LYS A 230 -18.04 21.44 3.75
CA LYS A 230 -17.23 22.29 2.89
C LYS A 230 -17.14 21.68 1.50
N ASP A 231 -16.78 22.53 0.53
CA ASP A 231 -16.61 22.07 -0.83
C ASP A 231 -15.39 21.15 -0.94
N SER A 232 -15.40 20.32 -1.97
CA SER A 232 -14.23 19.53 -2.30
C SER A 232 -13.11 20.45 -2.81
N ALA A 233 -11.91 19.89 -2.94
CA ALA A 233 -10.77 20.67 -3.40
C ALA A 233 -11.02 21.20 -4.81
N VAL A 234 -11.60 20.37 -5.69
CA VAL A 234 -11.84 20.79 -7.07
C VAL A 234 -12.91 21.87 -7.13
N VAL A 235 -14.00 21.70 -6.38
CA VAL A 235 -15.07 22.70 -6.41
C VAL A 235 -14.59 24.01 -5.82
N SER A 236 -13.78 23.95 -4.76
CA SER A 236 -13.24 25.17 -4.17
C SER A 236 -12.37 25.92 -5.18
N LYS A 237 -11.60 25.20 -5.98
CA LYS A 237 -10.77 25.85 -7.00
C LYS A 237 -11.63 26.43 -8.11
N LEU A 238 -12.64 25.68 -8.56
CA LEU A 238 -13.54 26.17 -9.59
C LEU A 238 -14.30 27.40 -9.11
N ARG A 239 -14.85 27.34 -7.89
CA ARG A 239 -15.61 28.46 -7.36
C ARG A 239 -14.75 29.72 -7.24
N SER A 240 -13.46 29.56 -6.91
CA SER A 240 -12.59 30.71 -6.77
C SER A 240 -12.29 31.38 -8.12
N CYS A 241 -12.50 30.66 -9.23
CA CYS A 241 -12.32 31.23 -10.55
C CYS A 241 -13.56 31.95 -11.07
N GLY A 242 -14.69 31.83 -10.36
CA GLY A 242 -15.94 32.40 -10.81
C GLY A 242 -16.88 31.43 -11.47
N ALA A 243 -16.53 30.15 -11.54
CA ALA A 243 -17.41 29.16 -12.15
C ALA A 243 -18.72 29.06 -11.38
N ILE A 244 -19.78 28.69 -12.10
CA ILE A 244 -21.11 28.55 -11.53
C ILE A 244 -21.42 27.07 -11.43
N LEU A 245 -21.43 26.54 -10.21
CA LEU A 245 -21.71 25.13 -9.99
C LEU A 245 -23.20 24.88 -10.20
N LEU A 246 -23.55 24.12 -11.24
CA LEU A 246 -24.94 23.95 -11.59
C LEU A 246 -25.67 22.99 -10.65
N GLY A 247 -25.02 21.88 -10.28
CA GLY A 247 -25.64 20.95 -9.35
C GLY A 247 -24.90 19.62 -9.33
N LYS A 248 -25.55 18.62 -8.77
CA LYS A 248 -25.00 17.27 -8.68
C LYS A 248 -25.58 16.42 -9.80
N ALA A 249 -24.68 15.85 -10.61
CA ALA A 249 -25.10 15.07 -11.76
C ALA A 249 -25.53 13.66 -11.34
N ASN A 250 -26.45 13.09 -12.12
CA ASN A 250 -26.78 11.68 -11.93
C ASN A 250 -25.56 10.82 -12.23
N MET A 251 -25.58 9.59 -11.71
CA MET A 251 -24.44 8.70 -11.88
C MET A 251 -24.89 7.28 -11.59
N HIS A 252 -24.10 6.33 -12.10
CA HIS A 252 -24.26 4.95 -11.68
C HIS A 252 -23.88 4.84 -10.21
N GLU A 253 -24.70 4.12 -9.44
CA GLU A 253 -24.62 4.17 -7.98
C GLU A 253 -23.23 3.81 -7.48
N LEU A 254 -22.63 4.73 -6.72
CA LEU A 254 -21.34 4.54 -6.06
C LEU A 254 -20.22 4.22 -7.04
N GLY A 255 -20.40 4.57 -8.31
CA GLY A 255 -19.42 4.27 -9.33
C GLY A 255 -19.29 2.81 -9.68
N MET A 256 -20.15 1.95 -9.13
CA MET A 256 -20.08 0.51 -9.34
C MET A 256 -20.90 0.11 -10.58
N GLY A 257 -20.48 0.65 -11.72
CA GLY A 257 -21.16 0.39 -12.98
C GLY A 257 -20.58 1.19 -14.12
N THR A 258 -20.76 0.70 -15.34
CA THR A 258 -20.20 1.36 -16.52
C THR A 258 -21.26 1.71 -17.55
N THR A 259 -22.54 1.56 -17.23
CA THR A 259 -23.63 1.92 -18.14
C THR A 259 -24.36 3.19 -17.76
N GLY A 260 -24.42 3.53 -16.47
CA GLY A 260 -25.15 4.68 -16.01
C GLY A 260 -26.53 4.39 -15.47
N ASN A 261 -26.96 3.12 -15.50
CA ASN A 261 -28.27 2.75 -14.97
C ASN A 261 -28.37 3.12 -13.50
N ASN A 262 -29.52 3.68 -13.11
CA ASN A 262 -29.76 4.07 -11.73
C ASN A 262 -31.18 3.68 -11.35
N SER A 263 -31.30 2.69 -10.45
CA SER A 263 -32.60 2.22 -9.99
C SER A 263 -33.28 3.21 -9.05
N ASN A 264 -32.61 4.28 -8.65
CA ASN A 264 -33.13 5.21 -7.66
C ASN A 264 -33.69 6.49 -8.29
N TYR A 265 -32.93 7.13 -9.17
CA TYR A 265 -33.36 8.36 -9.81
C TYR A 265 -33.73 8.18 -11.28
N GLY A 266 -33.41 7.04 -11.88
CA GLY A 266 -33.61 6.82 -13.30
C GLY A 266 -32.30 6.92 -14.07
N THR A 267 -32.30 6.32 -15.26
CA THR A 267 -31.10 6.27 -16.07
C THR A 267 -31.01 7.50 -16.95
N THR A 268 -29.86 8.16 -16.93
CA THR A 268 -29.62 9.29 -17.81
C THR A 268 -29.49 8.81 -19.25
N ARG A 269 -30.06 9.58 -20.17
CA ARG A 269 -30.19 9.15 -21.56
C ARG A 269 -29.14 9.83 -22.44
N ASN A 270 -28.66 9.09 -23.44
CA ASN A 270 -27.63 9.60 -24.32
C ASN A 270 -28.20 10.70 -25.21
N PRO A 271 -27.59 11.88 -25.24
CA PRO A 271 -28.11 12.95 -26.11
C PRO A 271 -28.15 12.58 -27.58
N HIS A 272 -27.36 11.60 -28.01
CA HIS A 272 -27.41 11.16 -29.40
C HIS A 272 -28.57 10.22 -29.65
N ASP A 273 -28.95 9.41 -28.67
CA ASP A 273 -30.04 8.45 -28.82
C ASP A 273 -30.61 8.16 -27.44
N PRO A 274 -31.70 8.84 -27.05
CA PRO A 274 -32.22 8.68 -25.69
C PRO A 274 -32.67 7.27 -25.34
N LYS A 275 -32.71 6.34 -26.28
CA LYS A 275 -32.99 4.95 -25.96
C LYS A 275 -31.73 4.16 -25.64
N ARG A 276 -30.57 4.81 -25.61
CA ARG A 276 -29.31 4.16 -25.33
C ARG A 276 -28.70 4.69 -24.05
N TYR A 277 -27.74 3.93 -23.52
CA TYR A 277 -27.02 4.37 -22.33
C TYR A 277 -26.05 5.50 -22.67
N THR A 278 -25.73 6.30 -21.65
CA THR A 278 -24.68 7.30 -21.81
C THR A 278 -23.30 6.72 -21.54
N GLY A 279 -23.23 5.65 -20.76
CA GLY A 279 -21.98 5.15 -20.23
C GLY A 279 -21.83 5.54 -18.77
N GLY A 280 -21.04 4.74 -18.06
CA GLY A 280 -20.87 4.96 -16.63
C GLY A 280 -19.44 5.20 -16.22
N SER A 281 -19.25 5.70 -15.00
CA SER A 281 -20.36 5.96 -14.09
C SER A 281 -20.79 7.42 -14.10
N SER A 282 -20.03 8.27 -14.80
CA SER A 282 -20.36 9.69 -14.91
C SER A 282 -21.43 9.90 -15.99
N SER A 283 -22.59 9.28 -15.77
CA SER A 283 -23.67 9.35 -16.74
C SER A 283 -24.20 10.75 -16.88
N GLY A 284 -24.67 11.34 -15.78
CA GLY A 284 -25.23 12.68 -15.84
C GLY A 284 -24.22 13.73 -16.26
N SER A 285 -22.95 13.54 -15.90
CA SER A 285 -21.93 14.53 -16.25
C SER A 285 -21.70 14.57 -17.75
N ALA A 286 -21.49 13.42 -18.38
CA ALA A 286 -21.27 13.40 -19.83
C ALA A 286 -22.51 13.80 -20.60
N ALA A 287 -23.69 13.36 -20.13
CA ALA A 287 -24.91 13.62 -20.88
C ALA A 287 -25.28 15.10 -20.86
N ILE A 288 -25.11 15.77 -19.72
CA ILE A 288 -25.45 17.18 -19.64
C ILE A 288 -24.46 18.04 -20.41
N VAL A 289 -23.26 17.52 -20.68
CA VAL A 289 -22.28 18.23 -21.49
C VAL A 289 -22.44 17.91 -22.97
N ALA A 290 -22.73 16.64 -23.29
CA ALA A 290 -23.00 16.28 -24.67
C ALA A 290 -24.26 16.98 -25.18
N ALA A 291 -25.26 17.14 -24.30
CA ALA A 291 -26.46 17.88 -24.67
C ALA A 291 -26.25 19.38 -24.73
N GLY A 292 -25.07 19.87 -24.36
CA GLY A 292 -24.73 21.27 -24.47
C GLY A 292 -25.28 22.17 -23.37
N LEU A 293 -25.94 21.61 -22.35
CA LEU A 293 -26.54 22.44 -21.30
C LEU A 293 -25.49 23.26 -20.57
N CYS A 294 -24.34 22.67 -20.28
CA CYS A 294 -23.26 23.36 -19.59
C CYS A 294 -21.94 23.11 -20.32
N SER A 295 -20.97 23.97 -20.04
CA SER A 295 -19.70 23.93 -20.77
C SER A 295 -18.90 22.68 -20.41
N ALA A 296 -18.81 22.36 -19.12
CA ALA A 296 -17.98 21.25 -18.68
C ALA A 296 -18.59 20.61 -17.44
N ALA A 297 -18.04 19.45 -17.07
CA ALA A 297 -18.45 18.77 -15.86
C ALA A 297 -17.25 18.06 -15.25
N LEU A 298 -17.36 17.74 -13.98
CA LEU A 298 -16.34 16.98 -13.26
C LEU A 298 -16.88 15.61 -12.91
N GLY A 299 -16.02 14.60 -13.00
CA GLY A 299 -16.40 13.25 -12.62
C GLY A 299 -15.20 12.48 -12.14
N THR A 300 -15.48 11.38 -11.44
CA THR A 300 -14.44 10.48 -10.97
C THR A 300 -14.22 9.37 -11.99
N ASP A 301 -13.01 8.81 -11.98
CA ASP A 301 -12.63 7.76 -12.93
C ASP A 301 -11.85 6.69 -12.15
N GLY A 302 -12.56 5.65 -11.72
CA GLY A 302 -11.92 4.53 -11.05
C GLY A 302 -11.73 3.35 -11.98
N GLY A 303 -12.60 3.25 -12.98
CA GLY A 303 -12.50 2.20 -13.99
C GLY A 303 -13.00 2.68 -15.33
N GLY A 304 -12.56 3.88 -15.74
CA GLY A 304 -13.00 4.48 -16.97
C GLY A 304 -14.23 5.34 -16.86
N ALA A 305 -14.70 5.64 -15.64
CA ALA A 305 -15.95 6.37 -15.45
C ALA A 305 -15.91 7.79 -15.98
N VAL A 306 -14.78 8.28 -16.47
CA VAL A 306 -14.72 9.57 -17.14
C VAL A 306 -14.60 9.41 -18.66
N ARG A 307 -13.81 8.43 -19.10
CA ARG A 307 -13.56 8.26 -20.53
C ARG A 307 -14.64 7.42 -21.20
N ILE A 308 -15.28 6.51 -20.48
CA ILE A 308 -16.29 5.64 -21.07
C ILE A 308 -17.51 6.46 -21.48
N PRO A 309 -18.15 7.25 -20.59
CA PRO A 309 -19.28 8.07 -21.05
C PRO A 309 -18.87 9.18 -21.99
N SER A 310 -17.61 9.63 -21.94
CA SER A 310 -17.15 10.62 -22.91
C SER A 310 -17.08 10.03 -24.32
N ALA A 311 -16.79 8.74 -24.44
CA ALA A 311 -16.74 8.10 -25.74
C ALA A 311 -18.14 7.82 -26.29
N LEU A 312 -19.06 7.38 -25.41
CA LEU A 312 -20.40 7.03 -25.85
C LEU A 312 -21.28 8.25 -26.09
N CYS A 313 -20.94 9.41 -25.54
CA CYS A 313 -21.68 10.64 -25.75
C CYS A 313 -20.97 11.61 -26.67
N GLY A 314 -19.74 11.31 -27.08
CA GLY A 314 -19.03 12.12 -28.06
C GLY A 314 -18.48 13.44 -27.54
N ILE A 315 -17.78 13.41 -26.42
CA ILE A 315 -17.15 14.58 -25.82
C ILE A 315 -15.75 14.22 -25.37
N THR A 316 -15.05 15.19 -24.79
CA THR A 316 -13.68 14.99 -24.33
C THR A 316 -13.68 14.64 -22.84
N GLY A 317 -12.97 13.56 -22.50
CA GLY A 317 -12.84 13.15 -21.11
C GLY A 317 -11.41 12.91 -20.70
N LEU A 318 -10.86 13.77 -19.85
CA LEU A 318 -9.47 13.71 -19.44
C LEU A 318 -9.34 13.00 -18.10
N LYS A 319 -8.70 11.83 -18.12
CA LYS A 319 -8.35 11.11 -16.90
C LYS A 319 -6.89 11.44 -16.59
N THR A 320 -6.66 12.21 -15.52
CA THR A 320 -5.33 12.69 -15.21
C THR A 320 -4.53 11.63 -14.44
N THR A 321 -3.25 11.91 -14.24
CA THR A 321 -2.38 11.02 -13.49
C THR A 321 -2.88 10.87 -12.05
N TYR A 322 -2.65 9.69 -11.49
CA TYR A 322 -3.02 9.44 -10.10
C TYR A 322 -2.34 10.44 -9.18
N GLY A 323 -3.12 11.09 -8.33
CA GLY A 323 -2.60 12.08 -7.40
C GLY A 323 -2.41 13.46 -7.98
N ARG A 324 -2.51 13.62 -9.29
CA ARG A 324 -2.36 14.94 -9.90
C ARG A 324 -3.35 15.94 -9.34
N THR A 325 -4.61 15.53 -9.17
CA THR A 325 -5.70 16.42 -8.78
C THR A 325 -6.22 15.99 -7.41
N ASP A 326 -6.26 16.94 -6.48
CA ASP A 326 -6.64 16.66 -5.10
C ASP A 326 -8.08 16.16 -5.02
N MET A 327 -8.27 14.92 -4.58
CA MET A 327 -9.58 14.31 -4.46
C MET A 327 -10.21 14.51 -3.09
N THR A 328 -9.68 15.42 -2.27
CA THR A 328 -10.23 15.64 -0.95
C THR A 328 -11.65 16.17 -1.05
N GLY A 329 -12.59 15.44 -0.47
CA GLY A 329 -13.99 15.83 -0.55
C GLY A 329 -14.74 15.04 -1.61
N SER A 330 -14.44 13.75 -1.71
CA SER A 330 -15.12 12.86 -2.63
C SER A 330 -15.25 11.49 -1.97
N LEU A 331 -16.11 10.65 -2.53
CA LEU A 331 -16.35 9.33 -1.97
C LEU A 331 -15.23 8.34 -2.24
N CYS A 332 -14.24 8.72 -3.06
CA CYS A 332 -13.15 7.82 -3.42
C CYS A 332 -11.79 8.39 -3.03
N GLU A 333 -11.74 9.32 -2.08
CA GLU A 333 -10.46 9.77 -1.56
C GLU A 333 -9.84 8.65 -0.72
N GLY A 334 -8.54 8.46 -0.87
CA GLY A 334 -7.85 7.34 -0.26
C GLY A 334 -7.74 6.11 -1.13
N GLY A 335 -8.47 6.05 -2.24
CA GLY A 335 -8.35 4.92 -3.15
C GLY A 335 -7.05 4.97 -3.95
N THR A 336 -6.76 3.86 -4.62
CA THR A 336 -5.51 3.70 -5.36
C THR A 336 -5.70 3.74 -6.86
N VAL A 337 -6.94 3.80 -7.36
CA VAL A 337 -7.17 3.82 -8.79
C VAL A 337 -7.96 5.03 -9.27
N GLU A 338 -8.72 5.70 -8.41
CA GLU A 338 -9.63 6.75 -8.85
C GLU A 338 -8.91 8.09 -8.99
N ILE A 339 -9.43 8.93 -9.90
CA ILE A 339 -9.03 10.31 -10.02
C ILE A 339 -10.30 11.15 -10.18
N ILE A 340 -10.14 12.47 -10.28
CA ILE A 340 -11.21 13.38 -10.62
C ILE A 340 -10.76 14.16 -11.85
N GLY A 341 -11.45 13.97 -12.97
CA GLY A 341 -11.10 14.62 -14.21
C GLY A 341 -12.25 15.39 -14.81
N PRO A 342 -11.95 16.26 -15.77
CA PRO A 342 -13.00 17.07 -16.41
C PRO A 342 -13.58 16.44 -17.66
N LEU A 343 -14.86 16.74 -17.88
CA LEU A 343 -15.57 16.34 -19.09
C LEU A 343 -16.06 17.60 -19.79
N ALA A 344 -15.66 17.76 -21.05
CA ALA A 344 -16.00 18.95 -21.82
C ALA A 344 -16.29 18.58 -23.26
N SER A 345 -16.84 19.53 -24.01
CA SER A 345 -17.23 19.32 -25.40
C SER A 345 -16.12 19.59 -26.40
N SER A 346 -14.96 20.06 -25.94
CA SER A 346 -13.83 20.29 -26.84
C SER A 346 -12.55 20.16 -26.03
N LEU A 347 -11.44 19.94 -26.75
CA LEU A 347 -10.13 19.83 -26.09
C LEU A 347 -9.77 21.14 -25.40
N GLU A 348 -10.13 22.27 -26.01
CA GLU A 348 -9.81 23.57 -25.43
C GLU A 348 -10.51 23.76 -24.08
N ASP A 349 -11.77 23.32 -23.98
CA ASP A 349 -12.50 23.45 -22.73
C ASP A 349 -11.99 22.44 -21.69
N ALA A 350 -11.69 21.22 -22.13
CA ALA A 350 -11.16 20.22 -21.20
C ALA A 350 -9.81 20.65 -20.65
N PHE A 351 -8.99 21.30 -21.49
CA PHE A 351 -7.69 21.77 -21.05
C PHE A 351 -7.82 22.95 -20.08
N LEU A 352 -8.85 23.78 -20.25
CA LEU A 352 -9.02 24.92 -19.35
C LEU A 352 -9.50 24.49 -17.97
N VAL A 353 -10.47 23.57 -17.92
CA VAL A 353 -10.98 23.11 -16.62
C VAL A 353 -9.91 22.34 -15.87
N TYR A 354 -9.12 21.53 -16.59
CA TYR A 354 -7.99 20.85 -15.97
C TYR A 354 -7.01 21.84 -15.37
N ALA A 355 -6.80 22.98 -16.05
CA ALA A 355 -5.88 23.98 -15.55
C ALA A 355 -6.33 24.59 -14.23
N ALA A 356 -7.63 24.56 -13.96
CA ALA A 356 -8.16 25.15 -12.74
C ALA A 356 -8.15 24.18 -11.56
N ILE A 357 -8.53 22.91 -11.79
CA ILE A 357 -8.71 21.97 -10.70
C ILE A 357 -7.44 21.21 -10.34
N LEU A 358 -6.35 21.39 -11.08
CA LEU A 358 -5.17 20.58 -10.83
C LEU A 358 -4.48 20.98 -9.52
N GLY A 359 -3.66 20.08 -9.01
CA GLY A 359 -2.96 20.31 -7.76
C GLY A 359 -3.10 19.13 -6.82
N SER A 360 -1.98 18.60 -6.35
CA SER A 360 -2.00 17.44 -5.49
C SER A 360 -2.30 17.83 -4.04
N SER A 361 -2.91 16.90 -3.32
CA SER A 361 -3.04 17.05 -1.88
C SER A 361 -1.65 17.11 -1.24
N SER A 362 -1.62 17.53 0.03
CA SER A 362 -0.34 17.65 0.72
C SER A 362 0.31 16.28 0.91
N ALA A 363 -0.49 15.26 1.27
CA ALA A 363 0.06 13.93 1.47
C ALA A 363 0.61 13.35 0.17
N ASP A 364 -0.17 13.44 -0.92
CA ASP A 364 0.27 12.93 -2.21
C ASP A 364 1.48 13.69 -2.75
N ARG A 365 1.58 14.99 -2.47
CA ARG A 365 2.73 15.76 -2.91
C ARG A 365 4.03 15.16 -2.37
N TYR A 366 4.00 14.63 -1.15
CA TYR A 366 5.15 13.99 -0.54
C TYR A 366 5.30 12.53 -0.94
N ASN A 367 4.19 11.80 -1.03
CA ASN A 367 4.26 10.36 -1.31
C ASN A 367 4.51 10.07 -2.78
N LEU A 368 4.08 10.95 -3.69
CA LEU A 368 4.18 10.69 -5.12
C LEU A 368 5.19 11.57 -5.85
N LYS A 369 5.60 12.67 -5.23
CA LYS A 369 6.59 13.59 -5.81
C LYS A 369 6.27 13.92 -7.29
N PRO A 370 5.13 14.54 -7.55
CA PRO A 370 4.78 14.85 -8.95
C PRO A 370 5.65 15.97 -9.50
N SER A 371 6.00 15.84 -10.78
CA SER A 371 6.71 16.91 -11.46
C SER A 371 5.78 18.12 -11.62
N PRO A 372 6.34 19.32 -11.69
CA PRO A 372 5.50 20.53 -11.82
C PRO A 372 4.60 20.43 -13.03
N PRO A 373 3.32 20.74 -12.87
CA PRO A 373 2.38 20.60 -13.99
C PRO A 373 2.74 21.53 -15.14
N CYS A 374 2.57 21.03 -16.36
CA CYS A 374 2.83 21.81 -17.56
C CYS A 374 1.61 21.81 -18.45
N PHE A 375 1.58 22.80 -19.34
CA PHE A 375 0.55 22.99 -20.33
C PHE A 375 1.12 22.82 -21.73
N PRO A 376 0.39 22.19 -22.65
CA PRO A 376 0.90 22.07 -24.02
C PRO A 376 0.73 23.37 -24.79
N LYS A 377 1.65 23.60 -25.71
CA LYS A 377 1.56 24.73 -26.63
C LYS A 377 0.65 24.32 -27.78
N LEU A 378 -0.66 24.47 -27.55
CA LEU A 378 -1.64 24.15 -28.59
C LEU A 378 -1.46 25.02 -29.82
N LEU A 379 -0.84 26.18 -29.68
CA LEU A 379 -0.53 27.04 -30.83
C LEU A 379 0.58 26.39 -31.64
N SER A 380 0.21 25.76 -32.76
CA SER A 380 1.14 25.06 -33.67
C SER A 380 1.79 26.08 -34.59
N HIS A 381 3.04 25.84 -35.00
CA HIS A 381 3.85 26.77 -35.83
C HIS A 381 4.38 28.13 -35.29
N ASN A 382 5.20 28.07 -34.23
CA ASN A 382 6.23 27.03 -34.31
C ASN A 382 5.98 25.84 -33.38
N GLY A 383 5.22 24.87 -33.88
CA GLY A 383 4.97 23.60 -33.21
C GLY A 383 4.69 22.52 -34.23
N SER A 384 3.92 21.50 -33.85
CA SER A 384 3.53 20.39 -34.72
C SER A 384 4.71 19.65 -35.33
N ASN A 385 5.93 19.93 -34.87
CA ASN A 385 7.07 19.05 -35.08
C ASN A 385 7.37 18.21 -33.85
N ALA A 386 6.94 18.66 -32.67
CA ALA A 386 6.96 17.80 -31.50
C ALA A 386 5.88 16.74 -31.59
N ILE A 387 4.72 17.08 -32.16
CA ILE A 387 3.67 16.10 -32.36
C ILE A 387 4.12 15.04 -33.34
N GLY A 388 4.76 15.45 -34.44
CA GLY A 388 5.24 14.48 -35.41
C GLY A 388 6.35 13.59 -34.88
N SER A 389 7.12 14.08 -33.91
CA SER A 389 8.19 13.29 -33.33
C SER A 389 7.69 12.31 -32.26
N LEU A 390 6.39 12.34 -31.95
CA LEU A 390 5.83 11.42 -30.97
C LEU A 390 5.69 10.03 -31.57
N ARG A 391 6.03 9.02 -30.76
CA ARG A 391 5.91 7.62 -31.16
C ARG A 391 4.64 7.06 -30.55
N LEU A 392 3.76 6.53 -31.39
CA LEU A 392 2.45 6.05 -30.96
C LEU A 392 2.49 4.53 -30.80
N GLY A 393 2.15 4.05 -29.61
CA GLY A 393 2.15 2.63 -29.35
C GLY A 393 0.82 1.97 -29.68
N LYS A 394 0.84 0.96 -30.54
CA LYS A 394 -0.36 0.27 -30.98
C LYS A 394 -0.20 -1.22 -30.74
N TYR A 395 -1.13 -1.81 -30.00
CA TYR A 395 -1.25 -3.25 -29.85
C TYR A 395 -2.36 -3.68 -30.79
N THR A 396 -1.98 -4.18 -31.98
CA THR A 396 -2.94 -4.33 -33.07
C THR A 396 -4.08 -5.27 -32.69
N LYS A 397 -3.75 -6.46 -32.18
CA LYS A 397 -4.80 -7.41 -31.83
C LYS A 397 -5.67 -6.87 -30.70
N TRP A 398 -5.05 -6.15 -29.76
CA TRP A 398 -5.82 -5.44 -28.75
C TRP A 398 -6.61 -4.30 -29.39
N PHE A 399 -6.00 -3.62 -30.38
CA PHE A 399 -6.66 -2.51 -31.06
C PHE A 399 -7.89 -2.99 -31.83
N ASN A 400 -7.75 -4.08 -32.58
CA ASN A 400 -8.84 -4.59 -33.42
C ASN A 400 -9.87 -5.40 -32.66
N ASP A 401 -9.67 -5.64 -31.36
CA ASP A 401 -10.61 -6.43 -30.57
C ASP A 401 -11.79 -5.54 -30.18
N VAL A 402 -12.67 -5.30 -31.16
CA VAL A 402 -13.86 -4.50 -30.95
C VAL A 402 -15.07 -5.25 -31.51
N SER A 403 -16.25 -4.87 -31.03
CA SER A 403 -17.48 -5.54 -31.47
C SER A 403 -17.81 -5.16 -32.91
N SER A 404 -17.90 -3.86 -33.19
CA SER A 404 -18.18 -3.36 -34.53
C SER A 404 -16.87 -3.02 -35.23
N SER A 405 -16.77 -3.40 -36.50
CA SER A 405 -15.58 -3.09 -37.29
C SER A 405 -15.40 -1.60 -37.48
N ASP A 406 -16.47 -0.81 -37.37
CA ASP A 406 -16.38 0.62 -37.62
C ASP A 406 -15.47 1.32 -36.64
N ILE A 407 -15.34 0.79 -35.43
CA ILE A 407 -14.56 1.45 -34.39
C ILE A 407 -13.06 1.28 -34.63
N SER A 408 -12.63 0.05 -34.93
CA SER A 408 -11.21 -0.19 -35.18
C SER A 408 -10.74 0.58 -36.40
N ASP A 409 -11.56 0.62 -37.45
CA ASP A 409 -11.16 1.33 -38.67
C ASP A 409 -11.17 2.84 -38.46
N LYS A 410 -12.16 3.36 -37.73
CA LYS A 410 -12.22 4.80 -37.49
C LYS A 410 -11.04 5.28 -36.66
N CYS A 411 -10.53 4.44 -35.76
CA CYS A 411 -9.36 4.82 -34.96
C CYS A 411 -8.07 4.52 -35.69
N GLU A 412 -8.04 3.50 -36.54
CA GLU A 412 -6.88 3.23 -37.37
C GLU A 412 -6.70 4.30 -38.45
N ASP A 413 -7.78 5.00 -38.80
CA ASP A 413 -7.66 6.11 -39.75
C ASP A 413 -7.01 7.33 -39.12
N ILE A 414 -7.25 7.56 -37.83
CA ILE A 414 -6.60 8.68 -37.15
C ILE A 414 -5.09 8.45 -37.10
N LEU A 415 -4.68 7.24 -36.72
CA LEU A 415 -3.25 6.89 -36.74
C LEU A 415 -2.69 7.06 -38.14
N LYS A 416 -3.48 6.75 -39.18
CA LYS A 416 -3.06 6.99 -40.55
C LYS A 416 -2.95 8.48 -40.84
N LEU A 417 -3.97 9.25 -40.42
CA LEU A 417 -3.98 10.67 -40.71
C LEU A 417 -2.89 11.42 -39.94
N LEU A 418 -2.63 11.01 -38.69
CA LEU A 418 -1.61 11.66 -37.88
C LEU A 418 -0.22 11.52 -38.50
N SER A 419 0.05 10.42 -39.19
CA SER A 419 1.33 10.24 -39.85
C SER A 419 1.43 11.01 -41.16
N ASN A 420 0.29 11.32 -41.80
CA ASN A 420 0.33 12.00 -43.09
C ASN A 420 0.56 13.50 -42.92
N ASN A 421 0.03 14.10 -41.86
CA ASN A 421 0.09 15.53 -41.68
C ASN A 421 1.18 15.97 -40.71
N HIS A 422 1.57 15.13 -39.76
CA HIS A 422 2.59 15.47 -38.79
C HIS A 422 3.84 14.60 -38.88
N GLY A 423 3.70 13.34 -39.27
CA GLY A 423 4.83 12.44 -39.34
C GLY A 423 4.96 11.47 -38.18
N CYS A 424 3.92 11.28 -37.39
CA CYS A 424 3.98 10.37 -36.25
C CYS A 424 4.23 8.95 -36.72
N LYS A 425 4.97 8.18 -35.92
CA LYS A 425 5.28 6.80 -36.21
C LYS A 425 4.49 5.90 -35.28
N VAL A 426 3.75 4.95 -35.85
CA VAL A 426 2.99 3.97 -35.08
C VAL A 426 3.89 2.75 -34.87
N VAL A 427 4.10 2.38 -33.61
CA VAL A 427 4.99 1.29 -33.24
C VAL A 427 4.15 0.13 -32.71
N GLU A 428 4.34 -1.04 -33.28
CA GLU A 428 3.64 -2.23 -32.81
C GLU A 428 4.17 -2.63 -31.43
N ILE A 429 3.31 -2.56 -30.43
CA ILE A 429 3.66 -2.92 -29.06
C ILE A 429 2.87 -4.18 -28.67
N VAL A 430 3.17 -4.68 -27.48
CA VAL A 430 2.45 -5.80 -26.90
C VAL A 430 2.29 -5.54 -25.41
N VAL A 431 1.05 -5.61 -24.92
CA VAL A 431 0.75 -5.38 -23.52
C VAL A 431 0.47 -6.73 -22.86
N PRO A 432 1.43 -7.30 -22.15
CA PRO A 432 1.23 -8.65 -21.59
C PRO A 432 0.30 -8.64 -20.38
N GLU A 433 -0.31 -9.80 -20.16
CA GLU A 433 -1.08 -10.10 -18.95
C GLU A 433 -2.24 -9.13 -18.76
N LEU A 434 -3.12 -9.07 -19.77
CA LEU A 434 -4.31 -8.22 -19.66
C LEU A 434 -5.35 -8.84 -18.75
N GLU A 435 -5.42 -10.18 -18.70
CA GLU A 435 -6.36 -10.83 -17.79
C GLU A 435 -5.97 -10.59 -16.34
N GLU A 436 -4.68 -10.58 -16.04
CA GLU A 436 -4.21 -10.22 -14.71
C GLU A 436 -4.58 -8.78 -14.36
N MET A 437 -4.56 -7.89 -15.35
CA MET A 437 -4.89 -6.49 -15.10
C MET A 437 -6.34 -6.32 -14.68
N ARG A 438 -7.25 -7.10 -15.30
CA ARG A 438 -8.64 -7.06 -14.88
C ARG A 438 -8.81 -7.55 -13.45
N ALA A 439 -8.17 -8.68 -13.11
CA ALA A 439 -8.30 -9.22 -11.76
C ALA A 439 -7.72 -8.27 -10.73
N ALA A 440 -6.57 -7.67 -11.03
CA ALA A 440 -5.95 -6.74 -10.08
C ALA A 440 -6.79 -5.47 -9.92
N HIS A 441 -7.48 -5.04 -10.98
CA HIS A 441 -8.20 -3.77 -10.90
C HIS A 441 -9.52 -3.92 -10.14
N VAL A 442 -10.27 -5.00 -10.40
CA VAL A 442 -11.58 -5.15 -9.77
C VAL A 442 -11.46 -5.24 -8.26
N ILE A 443 -10.40 -5.86 -7.76
CA ILE A 443 -10.21 -5.96 -6.31
C ILE A 443 -9.56 -4.71 -5.73
N SER A 444 -8.81 -3.95 -6.54
CA SER A 444 -8.21 -2.73 -6.05
C SER A 444 -9.23 -1.60 -5.92
N ILE A 445 -10.28 -1.63 -6.74
CA ILE A 445 -11.29 -0.57 -6.70
C ILE A 445 -12.46 -0.95 -5.79
N GLY A 446 -12.76 -2.25 -5.65
CA GLY A 446 -13.89 -2.65 -4.84
C GLY A 446 -13.61 -2.73 -3.36
N SER A 447 -12.36 -3.04 -2.97
CA SER A 447 -12.05 -3.21 -1.56
C SER A 447 -12.17 -1.90 -0.78
N PRO A 448 -11.60 -0.77 -1.23
CA PRO A 448 -11.82 0.47 -0.48
C PRO A 448 -13.26 0.97 -0.55
N THR A 449 -13.97 0.72 -1.65
CA THR A 449 -15.37 1.12 -1.76
C THR A 449 -16.22 0.38 -0.74
N LEU A 450 -16.04 -0.94 -0.64
CA LEU A 450 -16.81 -1.72 0.32
C LEU A 450 -16.39 -1.42 1.76
N SER A 451 -15.11 -1.09 1.99
CA SER A 451 -14.65 -0.83 3.34
C SER A 451 -15.23 0.46 3.90
N SER A 452 -15.25 1.53 3.09
CA SER A 452 -15.79 2.80 3.56
C SER A 452 -17.30 2.78 3.70
N LEU A 453 -17.98 1.76 3.19
CA LEU A 453 -19.42 1.64 3.32
C LEU A 453 -19.85 0.48 4.20
N THR A 454 -18.90 -0.33 4.69
CA THR A 454 -19.25 -1.47 5.53
C THR A 454 -19.92 -1.07 6.84
N PRO A 455 -19.45 -0.06 7.59
CA PRO A 455 -20.18 0.31 8.82
C PRO A 455 -21.64 0.67 8.58
N TYR A 456 -21.96 1.25 7.43
CA TYR A 456 -23.34 1.58 7.11
C TYR A 456 -24.14 0.32 6.75
N CYS A 457 -23.56 -0.53 5.91
CA CYS A 457 -24.23 -1.76 5.51
C CYS A 457 -24.50 -2.66 6.71
N GLU A 458 -23.54 -2.73 7.64
CA GLU A 458 -23.76 -3.52 8.85
C GLU A 458 -24.88 -2.93 9.71
N ALA A 459 -25.13 -1.63 9.58
CA ALA A 459 -26.19 -0.95 10.32
C ALA A 459 -27.56 -1.08 9.64
N GLY A 460 -27.68 -1.93 8.63
CA GLY A 460 -28.95 -2.12 7.94
C GLY A 460 -29.11 -1.33 6.66
N LYS A 461 -28.13 -0.50 6.31
CA LYS A 461 -28.19 0.31 5.09
C LYS A 461 -27.87 -0.47 3.82
N ASN A 462 -27.56 -1.76 3.94
CA ASN A 462 -27.22 -2.53 2.75
C ASN A 462 -28.44 -2.77 1.86
N SER A 463 -29.62 -2.88 2.46
CA SER A 463 -30.84 -3.08 1.67
C SER A 463 -31.21 -1.84 0.87
N LYS A 464 -30.87 -0.65 1.39
CA LYS A 464 -31.18 0.59 0.70
C LYS A 464 -30.35 0.79 -0.56
N LEU A 465 -29.33 -0.02 -0.77
CA LEU A 465 -28.55 0.06 -2.00
C LEU A 465 -29.29 -0.66 -3.13
N SER A 466 -28.87 -0.35 -4.35
CA SER A 466 -29.48 -0.98 -5.51
C SER A 466 -28.99 -2.42 -5.66
N TYR A 467 -29.78 -3.21 -6.40
CA TYR A 467 -29.39 -4.60 -6.67
C TYR A 467 -28.11 -4.67 -7.48
N ASP A 468 -27.84 -3.66 -8.31
CA ASP A 468 -26.62 -3.67 -9.11
C ASP A 468 -25.39 -3.50 -8.25
N THR A 469 -25.50 -2.68 -7.20
CA THR A 469 -24.38 -2.51 -6.28
C THR A 469 -24.26 -3.70 -5.33
N ARG A 470 -25.39 -4.20 -4.83
CA ARG A 470 -25.36 -5.36 -3.93
C ARG A 470 -24.82 -6.59 -4.62
N THR A 471 -24.92 -6.66 -5.95
CA THR A 471 -24.28 -7.75 -6.68
C THR A 471 -22.76 -7.62 -6.63
N SER A 472 -22.25 -6.41 -6.84
CA SER A 472 -20.80 -6.20 -6.76
C SER A 472 -20.29 -6.39 -5.33
N PHE A 473 -21.03 -5.86 -4.35
CA PHE A 473 -20.60 -6.01 -2.96
C PHE A 473 -20.60 -7.47 -2.53
N ALA A 474 -21.53 -8.27 -3.05
CA ALA A 474 -21.52 -9.70 -2.75
C ALA A 474 -20.22 -10.35 -3.23
N ILE A 475 -19.73 -9.93 -4.40
CA ILE A 475 -18.46 -10.47 -4.90
C ILE A 475 -17.29 -9.84 -4.17
N PHE A 476 -17.42 -8.58 -3.73
CA PHE A 476 -16.32 -7.93 -3.03
C PHE A 476 -16.07 -8.54 -1.66
N ARG A 477 -17.14 -8.96 -0.96
CA ARG A 477 -17.00 -9.60 0.34
C ARG A 477 -16.30 -10.94 0.27
N SER A 478 -16.16 -11.53 -0.92
CA SER A 478 -15.47 -12.79 -1.08
C SER A 478 -13.98 -12.63 -1.28
N PHE A 479 -13.50 -11.40 -1.47
CA PHE A 479 -12.07 -11.14 -1.63
C PHE A 479 -11.38 -11.22 -0.28
N SER A 480 -10.38 -12.09 -0.16
CA SER A 480 -9.61 -12.19 1.06
C SER A 480 -8.48 -11.17 1.07
N ALA A 481 -7.85 -11.02 2.23
CA ALA A 481 -6.72 -10.11 2.34
C ALA A 481 -5.52 -10.61 1.53
N SER A 482 -5.31 -11.92 1.50
CA SER A 482 -4.21 -12.47 0.70
C SER A 482 -4.43 -12.24 -0.79
N ASP A 483 -5.69 -12.24 -1.24
CA ASP A 483 -5.98 -11.93 -2.64
C ASP A 483 -5.57 -10.51 -2.97
N TYR A 484 -5.75 -9.58 -2.02
CA TYR A 484 -5.36 -8.20 -2.25
C TYR A 484 -3.85 -8.07 -2.39
N ILE A 485 -3.10 -8.79 -1.56
CA ILE A 485 -1.64 -8.73 -1.64
C ILE A 485 -1.16 -9.24 -3.01
N ALA A 486 -1.69 -10.39 -3.44
CA ALA A 486 -1.31 -10.94 -4.73
C ALA A 486 -1.65 -9.99 -5.86
N ALA A 487 -2.79 -9.32 -5.77
CA ALA A 487 -3.19 -8.37 -6.82
C ALA A 487 -2.22 -7.20 -6.88
N GLN A 488 -1.70 -6.75 -5.73
CA GLN A 488 -0.74 -5.66 -5.75
C GLN A 488 0.60 -6.12 -6.31
N CYS A 489 0.93 -7.40 -6.18
CA CYS A 489 2.10 -7.94 -6.86
C CYS A 489 1.90 -7.91 -8.38
N LEU A 490 0.67 -8.19 -8.83
CA LEU A 490 0.36 -8.09 -10.25
C LEU A 490 0.44 -6.65 -10.73
N ARG A 491 0.03 -5.70 -9.89
CA ARG A 491 0.11 -4.28 -10.26
C ARG A 491 1.56 -3.86 -10.53
N ARG A 492 2.52 -4.48 -9.84
CA ARG A 492 3.91 -4.17 -10.11
C ARG A 492 4.35 -4.77 -11.45
N ARG A 493 3.86 -5.97 -11.77
CA ARG A 493 4.20 -6.61 -13.05
C ARG A 493 3.75 -5.75 -14.22
N LEU A 494 2.51 -5.25 -14.16
CA LEU A 494 1.99 -4.44 -15.24
C LEU A 494 2.64 -3.07 -15.27
N MET A 495 3.08 -2.57 -14.12
CA MET A 495 3.84 -1.32 -14.10
C MET A 495 5.15 -1.47 -14.84
N GLU A 496 5.86 -2.57 -14.60
CA GLU A 496 7.13 -2.79 -15.29
C GLU A 496 6.93 -2.94 -16.79
N TYR A 497 5.83 -3.59 -17.21
CA TYR A 497 5.55 -3.72 -18.63
C TYR A 497 5.29 -2.36 -19.28
N HIS A 498 4.42 -1.56 -18.66
CA HIS A 498 4.06 -0.27 -19.25
C HIS A 498 5.21 0.73 -19.17
N LEU A 499 6.07 0.62 -18.15
CA LEU A 499 7.21 1.52 -18.07
C LEU A 499 8.27 1.18 -19.10
N ASN A 500 8.35 -0.09 -19.53
CA ASN A 500 9.25 -0.45 -20.62
C ASN A 500 8.65 -0.10 -21.98
N ILE A 501 7.32 -0.13 -22.11
CA ILE A 501 6.68 0.31 -23.34
C ILE A 501 6.93 1.80 -23.56
N PHE A 502 6.79 2.60 -22.51
CA PHE A 502 7.05 4.04 -22.56
C PHE A 502 8.53 4.37 -22.68
N LYS A 503 9.41 3.37 -22.69
CA LYS A 503 10.79 3.60 -23.08
C LYS A 503 10.95 3.64 -24.58
N ASP A 504 9.99 3.09 -25.33
CA ASP A 504 10.00 3.14 -26.78
C ASP A 504 9.03 4.21 -27.28
N VAL A 505 7.73 3.96 -27.11
CA VAL A 505 6.70 4.88 -27.59
C VAL A 505 6.45 5.97 -26.56
N ASP A 506 5.77 7.04 -26.97
CA ASP A 506 5.42 8.12 -26.06
C ASP A 506 3.99 8.02 -25.55
N VAL A 507 3.08 7.45 -26.35
CA VAL A 507 1.70 7.23 -25.94
C VAL A 507 1.27 5.85 -26.40
N ILE A 508 0.16 5.38 -25.84
CA ILE A 508 -0.47 4.11 -26.21
C ILE A 508 -1.86 4.45 -26.72
N VAL A 509 -2.09 4.26 -28.02
CA VAL A 509 -3.33 4.64 -28.67
C VAL A 509 -4.20 3.40 -28.85
N THR A 510 -5.43 3.49 -28.36
CA THR A 510 -6.46 2.47 -28.54
C THR A 510 -7.80 3.15 -28.79
N PRO A 511 -8.82 2.42 -29.23
CA PRO A 511 -10.18 2.91 -29.03
C PRO A 511 -10.46 3.05 -27.54
N THR A 512 -11.37 3.96 -27.20
CA THR A 512 -11.70 4.13 -25.79
C THR A 512 -12.60 3.00 -25.29
N THR A 513 -13.59 2.61 -26.09
CA THR A 513 -14.50 1.53 -25.75
C THR A 513 -14.58 0.54 -26.91
N GLY A 514 -14.93 -0.70 -26.59
CA GLY A 514 -15.08 -1.73 -27.60
C GLY A 514 -16.39 -1.71 -28.35
N MET A 515 -17.34 -0.89 -27.89
CA MET A 515 -18.63 -0.77 -28.55
C MET A 515 -19.13 0.65 -28.35
N THR A 516 -20.09 1.05 -29.19
CA THR A 516 -20.73 2.35 -29.04
C THR A 516 -21.82 2.24 -27.97
N ALA A 517 -22.60 3.31 -27.82
CA ALA A 517 -23.61 3.36 -26.77
C ALA A 517 -24.65 2.26 -26.97
N PRO A 518 -24.77 1.32 -26.03
CA PRO A 518 -25.78 0.27 -26.18
C PRO A 518 -27.16 0.76 -25.79
N VAL A 519 -28.18 0.14 -26.39
CA VAL A 519 -29.56 0.47 -26.05
C VAL A 519 -29.87 -0.05 -24.66
N ILE A 520 -30.77 0.64 -23.97
CA ILE A 520 -31.16 0.26 -22.61
C ILE A 520 -32.22 -0.82 -22.69
N PRO A 521 -31.97 -2.00 -22.13
CA PRO A 521 -33.04 -3.01 -22.04
C PRO A 521 -34.19 -2.49 -21.22
N PRO A 522 -35.41 -2.50 -21.77
CA PRO A 522 -36.56 -1.96 -21.02
C PRO A 522 -36.80 -2.66 -19.68
N ASP A 523 -36.48 -3.94 -19.58
CA ASP A 523 -36.59 -4.64 -18.31
C ASP A 523 -35.50 -4.23 -17.33
N ALA A 524 -34.49 -3.50 -17.79
CA ALA A 524 -33.41 -3.05 -16.92
C ALA A 524 -33.74 -1.73 -16.21
N LEU A 525 -34.71 -0.98 -16.71
CA LEU A 525 -35.08 0.30 -16.10
C LEU A 525 -35.89 0.13 -14.82
N LYS A 526 -36.37 -1.08 -14.53
CA LYS A 526 -37.13 -1.31 -13.30
C LYS A 526 -36.21 -1.23 -12.09
N ASN A 527 -35.27 -2.15 -11.98
CA ASN A 527 -34.34 -2.19 -10.86
C ASN A 527 -32.98 -2.69 -11.35
N GLY A 528 -32.40 -1.99 -12.32
CA GLY A 528 -31.09 -2.33 -12.81
C GLY A 528 -31.04 -3.65 -13.56
N GLU A 529 -29.82 -4.07 -13.87
CA GLU A 529 -29.58 -5.29 -14.63
C GLU A 529 -28.20 -5.83 -14.26
N THR A 530 -27.77 -6.88 -14.96
CA THR A 530 -26.42 -7.44 -14.80
C THR A 530 -26.02 -8.06 -16.14
N ASN A 531 -25.30 -7.29 -16.95
CA ASN A 531 -24.85 -7.71 -18.27
C ASN A 531 -23.34 -7.57 -18.33
N ILE A 532 -22.63 -8.63 -17.93
CA ILE A 532 -21.17 -8.59 -17.91
C ILE A 532 -20.61 -8.44 -19.33
N GLN A 533 -21.28 -9.06 -20.31
CA GLN A 533 -20.79 -8.99 -21.69
C GLN A 533 -20.71 -7.54 -22.18
N VAL A 534 -21.53 -6.65 -21.64
CA VAL A 534 -21.47 -5.24 -22.02
C VAL A 534 -20.43 -4.49 -21.18
N THR A 535 -20.42 -4.70 -19.87
CA THR A 535 -19.42 -4.02 -19.04
C THR A 535 -18.01 -4.47 -19.38
N THR A 536 -17.85 -5.68 -19.92
CA THR A 536 -16.53 -6.13 -20.36
C THR A 536 -16.09 -5.40 -21.62
N ASP A 537 -16.99 -5.25 -22.59
CA ASP A 537 -16.66 -4.53 -23.81
C ASP A 537 -16.39 -3.05 -23.57
N LEU A 538 -16.88 -2.50 -22.46
CA LEU A 538 -16.70 -1.08 -22.17
C LEU A 538 -15.43 -0.78 -21.39
N MET A 539 -14.88 -1.76 -20.66
CA MET A 539 -13.68 -1.55 -19.84
C MET A 539 -12.45 -2.23 -20.43
N ARG A 540 -12.43 -2.44 -21.75
CA ARG A 540 -11.35 -3.20 -22.35
C ARG A 540 -10.07 -2.38 -22.52
N PHE A 541 -10.18 -1.06 -22.65
CA PHE A 541 -9.02 -0.22 -22.95
C PHE A 541 -8.72 0.83 -21.88
N VAL A 542 -9.42 0.82 -20.75
CA VAL A 542 -9.32 1.92 -19.79
C VAL A 542 -8.69 1.51 -18.46
N LEU A 543 -8.52 0.21 -18.19
CA LEU A 543 -8.10 -0.21 -16.86
C LEU A 543 -6.63 0.11 -16.59
N ALA A 544 -5.80 0.16 -17.63
CA ALA A 544 -4.37 0.41 -17.41
C ALA A 544 -4.11 1.77 -16.79
N ALA A 545 -4.96 2.76 -17.10
CA ALA A 545 -4.78 4.08 -16.52
C ALA A 545 -5.14 4.11 -15.04
N ASN A 546 -6.12 3.29 -14.63
CA ASN A 546 -6.57 3.32 -13.25
C ASN A 546 -5.69 2.47 -12.34
N LEU A 547 -5.30 1.28 -12.80
CA LEU A 547 -4.48 0.41 -11.97
C LEU A 547 -3.06 0.96 -11.83
N LEU A 548 -2.54 1.58 -12.88
CA LEU A 548 -1.17 2.08 -12.90
C LEU A 548 -1.07 3.58 -12.86
N GLY A 549 -2.19 4.29 -12.72
CA GLY A 549 -2.15 5.73 -12.51
C GLY A 549 -1.81 6.58 -13.71
N PHE A 550 -1.73 6.00 -14.90
CA PHE A 550 -1.35 6.78 -16.09
C PHE A 550 -2.45 7.75 -16.47
N PRO A 551 -2.10 8.85 -17.14
CA PRO A 551 -3.13 9.74 -17.69
C PRO A 551 -3.61 9.28 -19.05
N ALA A 552 -4.93 9.32 -19.25
CA ALA A 552 -5.56 8.92 -20.49
C ALA A 552 -6.65 9.91 -20.83
N ILE A 553 -6.75 10.26 -22.12
CA ILE A 553 -7.77 11.17 -22.61
C ILE A 553 -8.56 10.47 -23.71
N SER A 554 -9.87 10.66 -23.71
CA SER A 554 -10.75 10.13 -24.75
C SER A 554 -11.19 11.30 -25.62
N VAL A 555 -10.81 11.28 -26.89
CA VAL A 555 -11.12 12.32 -27.85
C VAL A 555 -12.06 11.72 -28.90
N PRO A 556 -13.15 12.40 -29.27
CA PRO A 556 -14.02 11.87 -30.31
C PRO A 556 -13.31 11.85 -31.67
N VAL A 557 -13.63 10.84 -32.46
CA VAL A 557 -12.97 10.66 -33.76
C VAL A 557 -13.97 10.26 -34.84
N GLY A 558 -15.25 10.59 -34.66
CA GLY A 558 -16.22 10.36 -35.70
C GLY A 558 -17.39 9.54 -35.20
N TYR A 559 -18.05 8.86 -36.15
CA TYR A 559 -19.24 8.08 -35.85
C TYR A 559 -19.20 6.79 -36.66
N ASP A 560 -20.17 5.91 -36.41
CA ASP A 560 -20.23 4.59 -37.02
C ASP A 560 -21.40 4.54 -38.01
N LYS A 561 -21.92 3.33 -38.25
CA LYS A 561 -23.03 3.18 -39.19
C LYS A 561 -24.27 3.93 -38.72
N GLU A 562 -24.56 3.88 -37.41
CA GLU A 562 -25.77 4.47 -36.85
C GLU A 562 -25.54 5.87 -36.29
N GLY A 563 -24.44 6.52 -36.70
CA GLY A 563 -24.19 7.87 -36.25
C GLY A 563 -23.83 8.01 -34.79
N LEU A 564 -23.44 6.92 -34.12
CA LEU A 564 -23.08 6.97 -32.71
C LEU A 564 -21.61 7.37 -32.58
N PRO A 565 -21.29 8.24 -31.60
CA PRO A 565 -19.91 8.74 -31.50
C PRO A 565 -18.90 7.64 -31.19
N ILE A 566 -17.69 7.82 -31.72
CA ILE A 566 -16.56 6.95 -31.45
C ILE A 566 -15.44 7.81 -30.87
N GLY A 567 -14.78 7.29 -29.84
CA GLY A 567 -13.70 8.01 -29.18
C GLY A 567 -12.39 7.24 -29.27
N LEU A 568 -11.30 7.99 -29.36
CA LEU A 568 -9.95 7.44 -29.33
C LEU A 568 -9.32 7.74 -27.97
N GLN A 569 -8.60 6.76 -27.44
CA GLN A 569 -7.92 6.91 -26.16
C GLN A 569 -6.43 7.12 -26.38
N ILE A 570 -5.89 8.18 -25.77
CA ILE A 570 -4.47 8.48 -25.80
C ILE A 570 -3.96 8.43 -24.37
N MET A 571 -3.20 7.40 -24.05
CA MET A 571 -2.64 7.19 -22.72
C MET A 571 -1.14 7.47 -22.75
N GLY A 572 -0.70 8.40 -21.91
CA GLY A 572 0.70 8.82 -21.93
C GLY A 572 1.49 8.46 -20.70
N ARG A 573 2.71 9.00 -20.60
CA ARG A 573 3.59 8.76 -19.46
C ARG A 573 3.00 9.39 -18.20
N PRO A 574 3.50 8.99 -17.03
CA PRO A 574 3.06 9.64 -15.79
C PRO A 574 3.34 11.13 -15.81
N TRP A 575 2.37 11.91 -15.32
CA TRP A 575 2.43 13.37 -15.26
C TRP A 575 2.60 14.00 -16.63
N ALA A 576 2.23 13.28 -17.69
CA ALA A 576 2.35 13.81 -19.05
C ALA A 576 0.99 14.17 -19.61
N GLU A 577 0.22 14.98 -18.87
CA GLU A 577 -1.07 15.43 -19.37
C GLU A 577 -0.91 16.33 -20.60
N ALA A 578 0.14 17.16 -20.61
CA ALA A 578 0.34 18.07 -21.73
C ALA A 578 0.56 17.32 -23.04
N THR A 579 1.22 16.16 -22.99
CA THR A 579 1.43 15.37 -24.21
C THR A 579 0.10 14.82 -24.73
N VAL A 580 -0.72 14.25 -23.85
CA VAL A 580 -1.98 13.67 -24.27
C VAL A 580 -2.99 14.76 -24.66
N LEU A 581 -2.81 15.98 -24.17
CA LEU A 581 -3.69 17.08 -24.57
C LEU A 581 -3.26 17.66 -25.91
N GLY A 582 -1.96 17.77 -26.15
CA GLY A 582 -1.49 18.28 -27.42
C GLY A 582 -1.75 17.33 -28.57
N LEU A 583 -1.61 16.02 -28.31
CA LEU A 583 -1.90 15.03 -29.35
C LEU A 583 -3.39 14.98 -29.65
N ALA A 584 -4.24 15.03 -28.61
CA ALA A 584 -5.68 15.06 -28.84
C ALA A 584 -6.11 16.33 -29.55
N ALA A 585 -5.42 17.44 -29.31
CA ALA A 585 -5.73 18.68 -30.02
C ALA A 585 -5.46 18.53 -31.51
N ALA A 586 -4.37 17.85 -31.87
CA ALA A 586 -4.08 17.58 -33.27
C ALA A 586 -5.06 16.55 -33.84
N VAL A 587 -5.56 15.64 -32.99
CA VAL A 587 -6.52 14.65 -33.47
C VAL A 587 -7.87 15.30 -33.75
N GLU A 588 -8.37 16.12 -32.82
CA GLU A 588 -9.64 16.79 -33.02
C GLU A 588 -9.56 17.82 -34.15
N GLU A 589 -8.35 18.23 -34.54
CA GLU A 589 -8.22 19.10 -35.71
C GLU A 589 -8.43 18.31 -36.99
N LEU A 590 -8.14 17.02 -36.98
CA LEU A 590 -8.36 16.15 -38.13
C LEU A 590 -9.71 15.45 -38.10
N ALA A 591 -10.41 15.45 -36.96
CA ALA A 591 -11.67 14.73 -36.82
C ALA A 591 -12.60 15.52 -35.89
N PRO A 592 -13.05 16.69 -36.32
CA PRO A 592 -13.87 17.53 -35.45
C PRO A 592 -15.28 16.99 -35.32
N VAL A 593 -15.88 17.19 -34.15
CA VAL A 593 -17.26 16.79 -33.91
C VAL A 593 -18.16 17.65 -34.79
N THR A 594 -18.81 17.06 -35.78
CA THR A 594 -19.63 17.78 -36.73
C THR A 594 -21.12 17.46 -36.61
N LYS A 595 -21.48 16.25 -36.21
CA LYS A 595 -22.89 15.89 -36.09
C LYS A 595 -23.47 16.42 -34.79
N LYS A 596 -24.74 16.85 -34.86
CA LYS A 596 -25.44 17.40 -33.70
C LYS A 596 -26.19 16.28 -32.97
N PRO A 597 -26.13 16.23 -31.64
CA PRO A 597 -26.87 15.18 -30.92
C PRO A 597 -28.38 15.31 -31.14
N ALA A 598 -29.07 14.19 -30.99
CA ALA A 598 -30.54 14.23 -31.06
C ALA A 598 -31.11 15.14 -29.99
N ILE A 599 -30.55 15.12 -28.79
CA ILE A 599 -30.93 16.02 -27.71
C ILE A 599 -29.81 17.04 -27.56
N PHE A 600 -30.12 18.30 -27.85
CA PHE A 600 -29.15 19.37 -27.78
C PHE A 600 -29.87 20.67 -27.48
N TYR A 601 -29.18 21.59 -26.81
CA TYR A 601 -29.78 22.85 -26.39
C TYR A 601 -28.77 23.98 -26.64
N ASP A 602 -29.14 24.90 -27.52
CA ASP A 602 -28.24 25.99 -27.93
C ASP A 602 -28.55 27.21 -27.08
N ILE A 603 -27.83 27.35 -25.97
CA ILE A 603 -27.88 28.56 -25.14
C ILE A 603 -27.05 29.62 -25.85
N LEU A 604 -27.01 30.84 -25.30
CA LEU A 604 -26.43 32.02 -25.94
C LEU A 604 -27.31 32.53 -27.08
N ASN A 605 -28.62 32.33 -26.98
CA ASN A 605 -29.56 32.84 -27.97
C ASN A 605 -30.91 33.13 -27.33
N MET B 1 -20.40 8.21 19.70
CA MET B 1 -20.34 7.33 18.53
C MET B 1 -20.33 5.86 18.94
N GLY B 2 -20.83 5.55 20.13
CA GLY B 2 -20.80 4.18 20.61
C GLY B 2 -22.17 3.53 20.71
N LYS B 3 -22.96 3.58 19.64
CA LYS B 3 -24.29 2.99 19.61
C LYS B 3 -24.51 2.06 18.42
N TYR B 4 -24.61 2.62 17.21
CA TYR B 4 -24.85 1.84 16.00
C TYR B 4 -23.60 1.67 15.14
N GLN B 5 -22.79 2.71 15.03
CA GLN B 5 -21.52 2.65 14.33
C GLN B 5 -20.58 3.64 15.00
N VAL B 6 -19.29 3.35 14.95
CA VAL B 6 -18.31 4.16 15.66
C VAL B 6 -17.59 5.08 14.68
N MET B 7 -17.22 6.25 15.17
CA MET B 7 -16.51 7.26 14.37
C MET B 7 -15.18 7.58 15.03
N LYS B 8 -14.27 8.16 14.24
CA LYS B 8 -12.93 8.46 14.71
C LYS B 8 -12.41 9.70 14.00
N ARG B 9 -11.26 10.19 14.49
CA ARG B 9 -10.49 11.28 13.86
C ARG B 9 -9.19 11.49 14.62
N ALA B 10 -8.04 11.28 13.98
CA ALA B 10 -6.79 11.21 14.71
C ALA B 10 -6.26 12.59 15.11
N SER B 11 -6.09 13.49 14.13
CA SER B 11 -5.45 14.77 14.42
C SER B 11 -6.25 15.64 15.39
N GLU B 12 -7.49 15.27 15.70
CA GLU B 12 -8.34 16.05 16.61
C GLU B 12 -8.60 15.35 17.93
N VAL B 13 -7.92 14.24 18.20
CA VAL B 13 -8.09 13.54 19.47
C VAL B 13 -7.43 14.34 20.58
N ASP B 14 -8.13 14.49 21.71
CA ASP B 14 -7.58 15.15 22.87
C ASP B 14 -6.72 14.16 23.65
N LEU B 15 -5.41 14.42 23.68
CA LEU B 15 -4.48 13.49 24.31
C LEU B 15 -4.69 13.41 25.83
N SER B 16 -5.15 14.49 26.45
CA SER B 16 -5.33 14.50 27.89
C SER B 16 -6.51 13.64 28.34
N THR B 17 -7.33 13.15 27.42
CA THR B 17 -8.49 12.34 27.76
C THR B 17 -8.33 10.87 27.35
N VAL B 18 -7.18 10.49 26.81
CA VAL B 18 -6.98 9.11 26.37
C VAL B 18 -6.82 8.21 27.58
N LYS B 19 -7.70 7.22 27.70
CA LYS B 19 -7.66 6.26 28.80
C LYS B 19 -7.05 4.96 28.33
N TYR B 20 -6.25 4.34 29.20
CA TYR B 20 -5.51 3.14 28.84
C TYR B 20 -6.45 1.93 28.83
N LYS B 21 -6.60 1.32 27.66
CA LYS B 21 -7.39 0.10 27.53
C LYS B 21 -6.65 -1.07 28.13
N ALA B 22 -7.29 -1.77 29.06
CA ALA B 22 -6.72 -2.99 29.62
C ALA B 22 -6.73 -3.82 28.34
N GLU B 23 -5.89 -4.86 28.28
CA GLU B 23 -5.93 -5.87 27.22
C GLU B 23 -7.22 -6.69 27.06
N THR B 24 -7.60 -6.96 25.81
CA THR B 24 -8.78 -7.74 25.49
C THR B 24 -8.44 -8.88 24.53
N MET B 25 -7.70 -9.89 25.02
CA MET B 25 -7.37 -11.08 24.23
C MET B 25 -7.68 -12.32 25.09
N LYS B 26 -8.97 -12.55 25.32
CA LYS B 26 -9.41 -13.69 26.11
C LYS B 26 -9.52 -14.93 25.23
N ALA B 27 -8.82 -16.00 25.60
CA ALA B 27 -8.84 -17.26 24.87
C ALA B 27 -8.29 -18.35 25.75
N PRO B 28 -8.82 -19.58 25.68
CA PRO B 28 -8.31 -20.68 26.49
C PRO B 28 -6.99 -21.21 25.94
N HIS B 29 -6.47 -22.24 26.61
CA HIS B 29 -5.19 -22.85 26.28
C HIS B 29 -5.43 -24.32 25.97
N LEU B 30 -5.10 -24.73 24.74
CA LEU B 30 -5.31 -26.10 24.28
C LEU B 30 -3.97 -26.75 23.96
N THR B 31 -3.84 -28.04 24.31
CA THR B 31 -2.63 -28.80 24.08
C THR B 31 -2.98 -30.18 23.54
N GLY B 32 -1.95 -30.88 23.08
CA GLY B 32 -2.05 -32.27 22.68
C GLY B 32 -3.14 -32.59 21.67
N LEU B 33 -4.09 -33.44 22.07
CA LEU B 33 -5.13 -33.89 21.17
C LEU B 33 -6.29 -32.90 21.07
N SER B 34 -6.59 -32.18 22.16
CA SER B 34 -7.60 -31.13 22.09
C SER B 34 -7.18 -30.03 21.13
N PHE B 35 -5.87 -29.80 21.01
CA PHE B 35 -5.37 -28.86 20.01
C PHE B 35 -5.57 -29.40 18.60
N LYS B 36 -5.40 -30.71 18.41
CA LYS B 36 -5.56 -31.30 17.09
C LYS B 36 -7.02 -31.24 16.62
N LEU B 37 -7.96 -31.59 17.51
CA LEU B 37 -9.36 -31.56 17.12
C LEU B 37 -9.85 -30.13 16.91
N PHE B 38 -9.22 -29.16 17.58
CA PHE B 38 -9.62 -27.76 17.41
C PHE B 38 -9.24 -27.24 16.04
N VAL B 39 -8.13 -27.71 15.47
CA VAL B 39 -7.71 -27.25 14.15
C VAL B 39 -8.58 -27.86 13.06
N ASN B 40 -8.93 -29.15 13.20
CA ASN B 40 -9.77 -29.80 12.21
C ASN B 40 -11.17 -29.18 12.17
N LEU B 41 -11.62 -28.59 13.28
CA LEU B 41 -12.88 -27.86 13.26
C LEU B 41 -12.78 -26.60 12.42
N LEU B 42 -11.65 -25.90 12.51
CA LEU B 42 -11.46 -24.69 11.74
C LEU B 42 -11.26 -24.99 10.25
N GLU B 43 -10.62 -26.11 9.93
CA GLU B 43 -10.36 -26.49 8.55
C GLU B 43 -11.49 -27.33 7.94
N ALA B 44 -12.67 -27.31 8.55
CA ALA B 44 -13.87 -27.95 8.04
C ALA B 44 -14.76 -26.92 7.35
N PRO B 45 -15.60 -27.35 6.39
CA PRO B 45 -16.33 -26.38 5.56
C PRO B 45 -17.22 -25.41 6.33
N LEU B 46 -18.17 -25.92 7.11
CA LEU B 46 -19.20 -25.05 7.69
C LEU B 46 -18.73 -24.41 8.99
N ILE B 47 -18.58 -25.21 10.05
CA ILE B 47 -18.24 -24.67 11.36
C ILE B 47 -16.84 -24.07 11.43
N GLY B 48 -16.04 -24.21 10.37
CA GLY B 48 -14.74 -23.57 10.36
C GLY B 48 -14.85 -22.05 10.39
N SER B 49 -15.71 -21.49 9.54
CA SER B 49 -15.88 -20.04 9.52
C SER B 49 -16.70 -19.55 10.70
N LEU B 50 -17.54 -20.42 11.28
CA LEU B 50 -18.40 -20.00 12.38
C LEU B 50 -17.60 -19.77 13.65
N ILE B 51 -16.56 -20.59 13.88
CA ILE B 51 -15.74 -20.43 15.09
C ILE B 51 -14.88 -19.18 14.98
N VAL B 52 -14.32 -18.92 13.80
CA VAL B 52 -13.41 -17.79 13.64
C VAL B 52 -14.15 -16.48 13.78
N ASP B 53 -15.34 -16.37 13.17
CA ASP B 53 -16.10 -15.13 13.28
C ASP B 53 -16.52 -14.85 14.71
N TYR B 54 -16.77 -15.89 15.50
CA TYR B 54 -17.08 -15.69 16.91
C TYR B 54 -15.87 -15.17 17.68
N LEU B 55 -14.69 -15.70 17.37
CA LEU B 55 -13.48 -15.22 18.06
C LEU B 55 -13.21 -13.76 17.74
N LYS B 56 -13.25 -13.40 16.45
CA LYS B 56 -13.06 -12.00 16.07
C LYS B 56 -14.18 -11.12 16.62
N LYS B 57 -15.39 -11.66 16.75
CA LYS B 57 -16.47 -10.93 17.39
C LYS B 57 -16.18 -10.64 18.85
N ASP B 58 -15.43 -11.54 19.51
CA ASP B 58 -15.26 -11.49 20.96
C ASP B 58 -14.18 -10.49 21.38
N ASN B 59 -13.03 -10.52 20.71
CA ASN B 59 -11.95 -9.56 20.97
C ASN B 59 -12.12 -8.26 20.19
N GLY B 60 -13.35 -7.94 19.77
CA GLY B 60 -13.63 -6.65 19.17
C GLY B 60 -12.88 -6.35 17.89
N MET B 61 -12.56 -7.38 17.10
CA MET B 61 -11.90 -7.14 15.83
C MET B 61 -12.89 -6.78 14.73
N THR B 62 -14.10 -7.33 14.77
CA THR B 62 -15.11 -6.97 13.78
C THR B 62 -15.63 -5.56 14.01
N LYS B 63 -15.80 -5.17 15.27
CA LYS B 63 -16.20 -3.79 15.55
C LYS B 63 -15.16 -2.80 15.07
N ILE B 64 -13.88 -3.16 15.20
CA ILE B 64 -12.81 -2.27 14.74
C ILE B 64 -12.76 -2.25 13.22
N PHE B 65 -12.92 -3.41 12.59
CA PHE B 65 -12.76 -3.52 11.14
C PHE B 65 -14.04 -3.26 10.36
N ARG B 66 -15.21 -3.63 10.90
CA ARG B 66 -16.43 -3.61 10.12
C ARG B 66 -17.58 -2.81 10.74
N ASN B 67 -17.36 -2.16 11.89
CA ASN B 67 -18.42 -1.38 12.52
C ASN B 67 -17.93 -0.01 12.95
N THR B 68 -16.86 0.49 12.33
CA THR B 68 -16.27 1.75 12.74
C THR B 68 -15.87 2.56 11.52
N VAL B 69 -16.27 3.83 11.49
CA VAL B 69 -15.92 4.72 10.41
C VAL B 69 -14.55 5.33 10.71
N ILE B 70 -13.62 5.19 9.78
CA ILE B 70 -12.26 5.67 9.92
C ILE B 70 -12.04 6.77 8.89
N PRO B 71 -11.71 7.99 9.29
CA PRO B 71 -11.55 9.09 8.33
C PRO B 71 -10.17 9.20 7.68
N GLU B 72 -9.17 8.51 8.17
CA GLU B 72 -7.83 8.61 7.60
C GLU B 72 -7.73 7.80 6.31
N GLU B 73 -6.90 8.30 5.39
CA GLU B 73 -6.59 7.55 4.17
C GLU B 73 -5.56 6.47 4.49
N PRO B 74 -5.51 5.40 3.70
CA PRO B 74 -4.68 4.25 4.08
C PRO B 74 -3.19 4.56 3.99
N MET B 75 -2.44 3.90 4.86
CA MET B 75 -0.98 3.87 4.80
C MET B 75 -0.58 2.43 4.59
N PHE B 76 -0.13 2.10 3.37
CA PHE B 76 0.18 0.71 3.06
C PHE B 76 1.58 0.32 3.52
N ARG B 77 2.53 1.24 3.41
CA ARG B 77 3.87 1.06 3.93
C ARG B 77 4.24 2.26 4.79
N PRO B 78 5.10 2.06 5.79
CA PRO B 78 5.50 3.19 6.64
C PRO B 78 6.04 4.37 5.86
N GLU B 79 5.30 5.47 5.84
CA GLU B 79 5.68 6.68 5.13
C GLU B 79 6.38 7.63 6.10
N PHE B 80 7.65 7.93 5.83
CA PHE B 80 8.48 8.69 6.76
C PHE B 80 8.76 10.08 6.21
N PRO B 81 8.37 11.14 6.91
CA PRO B 81 8.81 12.48 6.54
C PRO B 81 10.30 12.66 6.83
N SER B 82 10.85 13.75 6.32
CA SER B 82 12.26 14.04 6.56
C SER B 82 12.49 14.36 8.02
N GLN B 83 13.51 13.73 8.60
CA GLN B 83 13.79 13.81 10.03
C GLN B 83 14.96 14.76 10.28
N GLU B 84 14.97 15.34 11.49
CA GLU B 84 16.09 16.17 11.89
C GLU B 84 17.35 15.31 12.03
N PRO B 85 18.50 15.78 11.57
CA PRO B 85 19.71 14.95 11.61
C PRO B 85 20.11 14.64 13.04
N GLU B 86 20.53 13.39 13.26
CA GLU B 86 20.97 12.98 14.59
C GLU B 86 22.18 13.79 15.04
N HIS B 87 22.24 14.04 16.34
CA HIS B 87 23.32 14.84 16.90
C HIS B 87 24.45 13.93 17.36
N ASP B 88 25.69 14.34 17.06
CA ASP B 88 26.90 13.69 17.57
C ASP B 88 27.03 12.26 17.04
N VAL B 89 26.88 12.12 15.72
CA VAL B 89 26.98 10.81 15.05
C VAL B 89 27.91 10.94 13.86
N VAL B 90 28.28 9.79 13.31
CA VAL B 90 29.19 9.70 12.16
C VAL B 90 28.39 9.22 10.96
N ILE B 91 28.40 10.02 9.89
CA ILE B 91 27.64 9.70 8.69
C ILE B 91 28.43 8.73 7.84
N VAL B 92 27.77 7.68 7.35
CA VAL B 92 28.38 6.68 6.50
C VAL B 92 27.74 6.74 5.14
N GLY B 93 28.55 6.65 4.09
CA GLY B 93 28.03 6.70 2.74
C GLY B 93 27.03 5.58 2.48
N GLU B 94 25.98 5.90 1.74
CA GLU B 94 24.95 4.92 1.42
C GLU B 94 25.51 3.79 0.56
N ASP B 95 26.30 4.14 -0.46
CA ASP B 95 26.89 3.16 -1.37
C ASP B 95 28.35 2.93 -0.96
N GLU B 96 28.53 2.14 0.09
CA GLU B 96 29.85 1.76 0.58
C GLU B 96 29.87 0.26 0.84
N SER B 97 31.04 -0.34 0.62
CA SER B 97 31.18 -1.77 0.85
C SER B 97 31.07 -2.08 2.34
N PRO B 98 30.61 -3.29 2.69
CA PRO B 98 30.56 -3.65 4.12
C PRO B 98 31.92 -3.58 4.81
N ILE B 99 33.01 -3.77 4.07
CA ILE B 99 34.34 -3.66 4.66
C ILE B 99 34.63 -2.23 5.08
N ASP B 100 34.22 -1.26 4.25
CA ASP B 100 34.48 0.15 4.56
C ASP B 100 33.70 0.61 5.77
N ARG B 101 32.49 0.09 5.96
CA ARG B 101 31.69 0.51 7.11
C ARG B 101 32.22 -0.09 8.40
N LEU B 102 32.81 -1.29 8.34
CA LEU B 102 33.42 -1.87 9.54
C LEU B 102 34.62 -1.07 9.99
N GLU B 103 35.41 -0.57 9.05
CA GLU B 103 36.54 0.30 9.39
C GLU B 103 36.06 1.54 10.14
N THR B 104 35.00 2.18 9.65
CA THR B 104 34.45 3.34 10.31
C THR B 104 33.78 2.96 11.63
N ALA B 105 33.21 1.76 11.71
CA ALA B 105 32.57 1.33 12.95
C ALA B 105 33.59 1.13 14.06
N LEU B 106 34.75 0.57 13.73
CA LEU B 106 35.80 0.39 14.73
C LEU B 106 36.30 1.73 15.27
N LYS B 107 36.27 2.78 14.44
CA LYS B 107 36.68 4.09 14.88
C LYS B 107 35.66 4.76 15.80
N CYS B 108 34.45 4.20 15.89
CA CYS B 108 33.42 4.72 16.79
C CYS B 108 33.41 4.04 18.15
N LEU B 109 34.30 3.06 18.37
CA LEU B 109 34.38 2.30 19.60
C LEU B 109 35.52 2.80 20.47
N PRO B 110 35.42 2.62 21.79
CA PRO B 110 36.54 2.98 22.67
C PRO B 110 37.77 2.13 22.36
N GLN B 111 38.89 2.54 22.95
CA GLN B 111 40.13 1.81 22.76
C GLN B 111 40.01 0.39 23.32
N TYR B 112 40.46 -0.58 22.53
CA TYR B 112 40.39 -1.98 22.94
C TYR B 112 41.42 -2.24 24.04
N ASP B 113 40.95 -2.63 25.21
CA ASP B 113 41.79 -2.79 26.40
C ASP B 113 41.81 -4.26 26.84
N PRO B 114 42.95 -4.95 26.71
CA PRO B 114 43.03 -6.35 27.17
C PRO B 114 43.18 -6.47 28.68
N SER B 115 42.08 -6.32 29.40
CA SER B 115 42.08 -6.40 30.85
C SER B 115 41.14 -7.50 31.35
N SER B 125 33.09 -10.63 38.27
CA SER B 125 31.82 -10.87 37.59
C SER B 125 32.02 -11.55 36.24
N PHE B 126 31.02 -12.36 35.86
CA PHE B 126 31.04 -13.02 34.56
C PHE B 126 30.84 -12.01 33.45
N ARG B 127 31.43 -12.30 32.29
CA ARG B 127 31.33 -11.43 31.12
C ARG B 127 31.34 -12.28 29.85
N TYR B 128 30.54 -11.85 28.87
CA TYR B 128 30.56 -12.48 27.56
C TYR B 128 31.83 -12.10 26.81
N TRP B 129 32.06 -12.79 25.69
CA TRP B 129 33.15 -12.45 24.79
C TRP B 129 32.64 -11.54 23.68
N LYS B 130 33.44 -10.54 23.34
CA LYS B 130 33.11 -9.60 22.29
C LYS B 130 33.78 -9.99 20.98
N ILE B 131 33.31 -9.38 19.89
CA ILE B 131 33.90 -9.64 18.58
C ILE B 131 35.35 -9.18 18.55
N ARG B 132 35.66 -8.06 19.20
CA ARG B 132 37.03 -7.59 19.29
C ARG B 132 37.89 -8.50 20.16
N ASP B 133 37.29 -9.31 21.02
CA ASP B 133 38.07 -10.31 21.76
C ASP B 133 38.47 -11.46 20.85
N TYR B 134 37.55 -11.92 19.98
CA TYR B 134 37.90 -12.94 19.00
C TYR B 134 38.89 -12.41 17.98
N ALA B 135 38.73 -11.15 17.56
CA ALA B 135 39.62 -10.58 16.55
C ALA B 135 41.03 -10.42 17.08
N TYR B 136 41.17 -10.02 18.34
CA TYR B 136 42.51 -9.87 18.92
C TYR B 136 43.18 -11.23 19.11
N ALA B 137 42.39 -12.29 19.32
CA ALA B 137 42.96 -13.62 19.50
C ALA B 137 43.42 -14.23 18.18
N TYR B 138 42.80 -13.84 17.06
CA TYR B 138 43.19 -14.37 15.76
C TYR B 138 44.47 -13.71 15.26
N ARG B 139 44.61 -12.40 15.46
CA ARG B 139 45.76 -11.67 14.94
C ARG B 139 47.00 -11.90 15.79
N SER B 140 46.84 -11.95 17.12
CA SER B 140 47.95 -12.26 18.01
C SER B 140 48.37 -13.72 17.94
N LYS B 141 47.66 -14.54 17.16
CA LYS B 141 47.95 -15.96 16.99
C LYS B 141 47.87 -16.72 18.31
N LEU B 142 46.98 -16.27 19.20
CA LEU B 142 46.70 -17.02 20.42
C LEU B 142 45.79 -18.21 20.13
N THR B 143 44.97 -18.10 19.09
CA THR B 143 44.16 -19.21 18.59
C THR B 143 43.95 -18.97 17.10
N THR B 144 43.15 -19.81 16.47
CA THR B 144 42.91 -19.72 15.04
C THR B 144 41.44 -20.00 14.76
N PRO B 145 40.90 -19.43 13.67
CA PRO B 145 39.48 -19.67 13.35
C PRO B 145 39.14 -21.13 13.13
N LEU B 146 40.13 -22.00 12.89
CA LEU B 146 39.85 -23.41 12.72
C LEU B 146 39.68 -24.12 14.06
N GLN B 147 40.51 -23.77 15.05
CA GLN B 147 40.35 -24.34 16.38
C GLN B 147 39.07 -23.84 17.06
N VAL B 148 38.70 -22.59 16.81
CA VAL B 148 37.41 -22.11 17.30
C VAL B 148 36.27 -22.86 16.62
N ALA B 149 36.46 -23.25 15.36
CA ALA B 149 35.45 -24.05 14.67
C ALA B 149 35.39 -25.46 15.23
N LYS B 150 36.55 -26.10 15.44
CA LYS B 150 36.58 -27.42 16.04
C LYS B 150 35.97 -27.41 17.44
N ARG B 151 36.02 -26.27 18.12
CA ARG B 151 35.43 -26.18 19.46
C ARG B 151 33.91 -26.14 19.39
N ILE B 152 33.35 -25.38 18.44
CA ILE B 152 31.91 -25.23 18.36
C ILE B 152 31.27 -26.50 17.82
N ILE B 153 31.85 -27.07 16.76
CA ILE B 153 31.27 -28.27 16.15
C ILE B 153 31.23 -29.42 17.16
N SER B 154 32.25 -29.52 18.01
CA SER B 154 32.28 -30.58 19.01
C SER B 154 31.10 -30.46 19.98
N ILE B 155 30.76 -29.23 20.36
CA ILE B 155 29.64 -29.04 21.29
C ILE B 155 28.31 -29.35 20.60
N ILE B 156 28.20 -29.01 19.32
CA ILE B 156 26.95 -29.26 18.60
C ILE B 156 26.75 -30.76 18.40
N GLU B 157 27.80 -31.47 17.98
CA GLU B 157 27.67 -32.90 17.73
C GLU B 157 27.52 -33.70 19.03
N GLU B 158 28.02 -33.16 20.14
CA GLU B 158 27.92 -33.88 21.41
C GLU B 158 26.51 -33.78 22.00
N PHE B 159 26.06 -32.56 22.28
CA PHE B 159 24.74 -32.35 22.88
C PHE B 159 23.62 -32.40 21.85
N GLY B 160 23.92 -32.66 20.58
CA GLY B 160 22.90 -32.72 19.55
C GLY B 160 22.20 -31.41 19.34
N TYR B 161 22.95 -30.32 19.18
CA TYR B 161 22.36 -29.02 18.94
C TYR B 161 21.92 -28.80 17.50
N ASP B 162 22.26 -29.74 16.61
CA ASP B 162 21.69 -29.78 15.26
C ASP B 162 20.74 -30.96 15.09
N LYS B 163 20.26 -31.53 16.20
CA LYS B 163 19.43 -32.71 16.22
C LYS B 163 18.30 -32.50 17.21
N PRO B 164 17.16 -33.15 17.01
CA PRO B 164 16.05 -33.05 17.98
C PRO B 164 16.46 -33.61 19.33
N PRO B 165 15.72 -33.28 20.41
CA PRO B 165 14.50 -32.48 20.47
C PRO B 165 14.71 -31.00 20.79
N THR B 166 15.91 -30.62 21.18
CA THR B 166 16.22 -29.23 21.52
C THR B 166 17.41 -28.76 20.70
N PRO B 167 17.21 -28.50 19.40
CA PRO B 167 18.35 -28.12 18.55
C PRO B 167 18.53 -26.61 18.42
N PHE B 168 19.77 -26.14 18.51
CA PHE B 168 20.06 -24.75 18.18
C PHE B 168 20.00 -24.54 16.67
N LEU B 169 20.37 -25.55 15.89
CA LEU B 169 20.38 -25.47 14.44
C LEU B 169 19.51 -26.57 13.85
N ILE B 170 18.84 -26.26 12.74
CA ILE B 170 18.06 -27.23 11.99
C ILE B 170 18.66 -27.53 10.63
N ARG B 171 19.76 -26.85 10.27
CA ARG B 171 20.50 -27.15 9.05
C ARG B 171 21.95 -26.78 9.33
N PHE B 172 22.78 -27.79 9.60
CA PHE B 172 24.16 -27.57 10.01
C PHE B 172 25.05 -28.59 9.30
N ASP B 173 25.91 -28.10 8.40
CA ASP B 173 26.89 -28.92 7.72
C ASP B 173 28.24 -28.67 8.39
N ALA B 174 28.68 -29.64 9.20
CA ALA B 174 29.93 -29.49 9.92
C ALA B 174 31.13 -29.36 8.97
N ASN B 175 31.06 -30.02 7.81
CA ASN B 175 32.15 -29.92 6.85
C ASN B 175 32.18 -28.56 6.17
N GLU B 176 31.02 -27.90 6.04
CA GLU B 176 30.98 -26.58 5.44
C GLU B 176 31.62 -25.53 6.35
N VAL B 177 31.38 -25.65 7.66
CA VAL B 177 31.97 -24.71 8.61
C VAL B 177 33.48 -24.89 8.67
N ILE B 178 33.98 -26.12 8.46
CA ILE B 178 35.41 -26.35 8.44
C ILE B 178 36.05 -25.72 7.21
N LYS B 179 35.36 -25.80 6.06
CA LYS B 179 35.88 -25.18 4.85
C LYS B 179 36.05 -23.67 5.01
N GLN B 180 35.08 -23.02 5.67
CA GLN B 180 35.19 -21.58 5.91
C GLN B 180 36.30 -21.26 6.89
N ALA B 181 36.54 -22.14 7.87
CA ALA B 181 37.55 -21.86 8.88
C ALA B 181 38.96 -22.02 8.34
N GLU B 182 39.18 -22.96 7.41
CA GLU B 182 40.51 -23.12 6.83
C GLU B 182 40.87 -21.92 5.96
N ALA B 183 39.92 -21.43 5.16
CA ALA B 183 40.18 -20.24 4.35
C ALA B 183 40.42 -19.01 5.22
N SER B 184 39.69 -18.91 6.33
CA SER B 184 39.92 -17.81 7.27
C SER B 184 41.29 -17.94 7.93
N THR B 185 41.71 -19.16 8.23
CA THR B 185 43.02 -19.36 8.85
C THR B 185 44.15 -18.99 7.89
N ARG B 186 44.02 -19.37 6.61
CA ARG B 186 45.06 -19.03 5.63
C ARG B 186 45.23 -17.52 5.52
N ARG B 187 44.13 -16.77 5.59
CA ARG B 187 44.22 -15.31 5.50
C ARG B 187 44.97 -14.74 6.70
N PHE B 188 44.77 -15.32 7.88
CA PHE B 188 45.53 -14.86 9.05
C PHE B 188 46.97 -15.35 9.01
N GLU B 189 47.22 -16.51 8.39
CA GLU B 189 48.59 -17.00 8.27
C GLU B 189 49.40 -16.13 7.32
N GLN B 190 48.81 -15.77 6.17
CA GLN B 190 49.47 -14.87 5.23
C GLN B 190 49.40 -13.41 5.66
N GLY B 191 48.76 -13.12 6.80
CA GLY B 191 48.77 -11.78 7.35
C GLY B 191 47.94 -10.76 6.61
N ASN B 192 46.88 -11.20 5.93
CA ASN B 192 45.99 -10.31 5.20
C ASN B 192 44.55 -10.67 5.52
N PRO B 193 44.04 -10.25 6.67
CA PRO B 193 42.63 -10.47 7.00
C PRO B 193 41.73 -9.48 6.29
N ILE B 194 40.48 -9.90 6.09
CA ILE B 194 39.52 -9.08 5.35
C ILE B 194 39.06 -7.90 6.20
N SER B 195 38.46 -8.19 7.35
CA SER B 195 37.96 -7.14 8.24
C SER B 195 37.92 -7.69 9.67
N VAL B 196 37.26 -6.96 10.56
CA VAL B 196 37.16 -7.37 11.95
C VAL B 196 36.21 -8.56 12.10
N LEU B 197 35.30 -8.77 11.16
CA LEU B 197 34.38 -9.91 11.21
C LEU B 197 34.97 -11.18 10.65
N ASP B 198 36.24 -11.16 10.20
CA ASP B 198 36.86 -12.35 9.64
C ASP B 198 37.03 -13.41 10.72
N GLY B 199 36.43 -14.58 10.51
CA GLY B 199 36.45 -15.64 11.49
C GLY B 199 35.36 -15.58 12.52
N ILE B 200 34.45 -14.61 12.43
CA ILE B 200 33.37 -14.48 13.38
C ILE B 200 32.23 -15.41 12.98
N PHE B 201 31.79 -16.24 13.92
CA PHE B 201 30.72 -17.20 13.66
C PHE B 201 29.37 -16.51 13.82
N VAL B 202 28.58 -16.50 12.74
CA VAL B 202 27.26 -15.88 12.73
C VAL B 202 26.23 -16.93 12.34
N THR B 203 25.19 -17.05 13.14
CA THR B 203 24.08 -17.95 12.86
C THR B 203 23.02 -17.23 12.03
N ILE B 204 22.37 -17.97 11.15
CA ILE B 204 21.36 -17.42 10.25
C ILE B 204 20.02 -18.05 10.59
N LYS B 205 18.98 -17.22 10.68
CA LYS B 205 17.63 -17.73 10.87
C LYS B 205 17.18 -18.49 9.63
N ASP B 206 16.36 -19.52 9.83
CA ASP B 206 16.01 -20.43 8.74
C ASP B 206 15.11 -19.78 7.69
N ASP B 207 14.54 -18.62 7.95
CA ASP B 207 13.76 -17.91 6.94
C ASP B 207 14.62 -16.97 6.10
N ILE B 208 15.95 -17.05 6.24
CA ILE B 208 16.89 -16.25 5.47
C ILE B 208 17.75 -17.19 4.64
N ASP B 209 17.91 -16.89 3.35
CA ASP B 209 18.66 -17.77 2.47
C ASP B 209 20.14 -17.71 2.79
N CYS B 210 20.76 -18.88 2.94
CA CYS B 210 22.19 -18.96 3.26
C CYS B 210 22.75 -20.22 2.62
N LEU B 211 23.53 -20.06 1.56
CA LEU B 211 24.13 -21.20 0.88
C LEU B 211 25.15 -21.89 1.80
N PRO B 212 25.31 -23.22 1.66
CA PRO B 212 24.58 -24.09 0.74
C PRO B 212 23.33 -24.71 1.35
N HIS B 213 22.80 -24.09 2.40
CA HIS B 213 21.67 -24.69 3.08
C HIS B 213 20.36 -24.25 2.44
N PRO B 214 19.32 -25.07 2.50
CA PRO B 214 18.00 -24.67 2.00
C PRO B 214 17.33 -23.71 2.99
N THR B 215 16.14 -23.26 2.60
CA THR B 215 15.35 -22.33 3.41
C THR B 215 13.96 -22.92 3.62
N ASN B 216 13.70 -23.43 4.83
CA ASN B 216 12.40 -23.96 5.19
C ASN B 216 11.61 -23.09 6.15
N GLY B 217 12.29 -22.18 6.87
CA GLY B 217 11.60 -21.32 7.80
C GLY B 217 10.90 -22.04 8.94
N GLY B 218 11.44 -23.19 9.35
CA GLY B 218 10.82 -24.00 10.37
C GLY B 218 9.89 -25.07 9.85
N THR B 219 9.64 -25.12 8.55
CA THR B 219 8.83 -26.17 7.96
C THR B 219 9.70 -27.38 7.63
N THR B 220 9.08 -28.42 7.09
CA THR B 220 9.81 -29.59 6.60
C THR B 220 9.59 -29.80 5.10
N TRP B 221 9.04 -28.81 4.41
CA TRP B 221 8.78 -28.97 2.98
C TRP B 221 8.91 -27.71 2.10
N LEU B 222 9.28 -26.57 2.67
CA LEU B 222 9.40 -25.37 1.86
C LEU B 222 10.57 -25.44 0.89
N HIS B 223 11.61 -26.21 1.22
CA HIS B 223 12.72 -26.41 0.30
C HIS B 223 12.29 -27.13 -0.97
N GLU B 224 11.19 -27.88 -0.92
CA GLU B 224 10.70 -28.57 -2.11
C GLU B 224 10.11 -27.59 -3.12
N ASP B 225 9.39 -26.59 -2.63
CA ASP B 225 8.68 -25.64 -3.50
C ASP B 225 9.47 -24.37 -3.77
N ARG B 226 10.39 -23.99 -2.89
CA ARG B 226 11.21 -22.79 -3.06
C ARG B 226 12.66 -23.17 -2.86
N SER B 227 13.45 -23.08 -3.92
CA SER B 227 14.86 -23.43 -3.87
C SER B 227 15.71 -22.22 -3.53
N VAL B 228 16.94 -22.48 -3.11
CA VAL B 228 17.89 -21.44 -2.71
C VAL B 228 19.08 -21.55 -3.65
N GLU B 229 19.18 -20.62 -4.61
CA GLU B 229 20.29 -20.63 -5.55
C GLU B 229 21.45 -19.75 -5.11
N LYS B 230 21.18 -18.64 -4.42
CA LYS B 230 22.23 -17.72 -4.01
C LYS B 230 21.97 -17.24 -2.59
N ASP B 231 23.01 -16.65 -1.99
CA ASP B 231 22.90 -16.10 -0.64
C ASP B 231 21.94 -14.93 -0.61
N SER B 232 21.46 -14.62 0.60
CA SER B 232 20.66 -13.43 0.81
C SER B 232 21.56 -12.20 0.79
N ALA B 233 20.95 -11.02 0.88
CA ALA B 233 21.75 -9.80 0.89
C ALA B 233 22.54 -9.69 2.19
N VAL B 234 21.97 -10.13 3.31
CA VAL B 234 22.65 -10.00 4.60
C VAL B 234 23.78 -11.03 4.71
N VAL B 235 23.58 -12.23 4.19
CA VAL B 235 24.62 -13.25 4.27
C VAL B 235 25.77 -12.93 3.33
N SER B 236 25.44 -12.40 2.14
CA SER B 236 26.48 -12.02 1.19
C SER B 236 27.39 -10.93 1.76
N LYS B 237 26.80 -9.96 2.46
CA LYS B 237 27.61 -8.91 3.09
C LYS B 237 28.45 -9.48 4.23
N LEU B 238 27.89 -10.42 4.98
CA LEU B 238 28.67 -11.05 6.05
C LEU B 238 29.79 -11.91 5.47
N ARG B 239 29.50 -12.66 4.40
CA ARG B 239 30.51 -13.52 3.80
C ARG B 239 31.62 -12.71 3.14
N SER B 240 31.29 -11.54 2.59
CA SER B 240 32.31 -10.69 1.99
C SER B 240 33.30 -10.17 3.02
N CYS B 241 32.87 -10.04 4.28
CA CYS B 241 33.74 -9.56 5.35
C CYS B 241 34.59 -10.68 5.95
N GLY B 242 34.28 -11.94 5.68
CA GLY B 242 35.01 -13.05 6.23
C GLY B 242 34.33 -13.76 7.38
N ALA B 243 33.06 -13.48 7.64
CA ALA B 243 32.35 -14.16 8.70
C ALA B 243 32.14 -15.63 8.35
N ILE B 244 32.00 -16.46 9.38
CA ILE B 244 31.79 -17.89 9.22
C ILE B 244 30.32 -18.16 9.51
N LEU B 245 29.54 -18.39 8.45
CA LEU B 245 28.13 -18.70 8.60
C LEU B 245 27.99 -20.09 9.23
N LEU B 246 27.53 -20.12 10.48
CA LEU B 246 27.51 -21.38 11.23
C LEU B 246 26.47 -22.33 10.69
N GLY B 247 25.20 -21.93 10.68
CA GLY B 247 24.15 -22.78 10.19
C GLY B 247 22.82 -22.07 10.29
N LYS B 248 21.77 -22.81 9.92
CA LYS B 248 20.41 -22.29 9.96
C LYS B 248 19.81 -22.57 11.34
N ALA B 249 19.43 -21.50 12.05
CA ALA B 249 18.94 -21.64 13.41
C ALA B 249 17.51 -22.15 13.42
N ASN B 250 17.17 -22.85 14.51
CA ASN B 250 15.78 -23.23 14.73
C ASN B 250 14.93 -21.98 14.91
N MET B 251 13.68 -22.07 14.48
CA MET B 251 12.77 -20.93 14.55
C MET B 251 11.34 -21.43 14.63
N HIS B 252 10.46 -20.55 15.14
CA HIS B 252 9.03 -20.84 15.10
C HIS B 252 8.58 -20.84 13.64
N GLU B 253 7.71 -21.79 13.30
CA GLU B 253 7.42 -22.09 11.90
C GLU B 253 6.85 -20.87 11.18
N LEU B 254 7.58 -20.41 10.16
CA LEU B 254 7.14 -19.33 9.28
C LEU B 254 6.96 -18.02 10.05
N GLY B 255 7.62 -17.90 11.19
CA GLY B 255 7.58 -16.70 11.99
C GLY B 255 6.21 -16.41 12.58
N MET B 256 5.34 -17.41 12.57
CA MET B 256 3.97 -17.25 13.07
C MET B 256 3.85 -17.67 14.53
N GLY B 257 4.79 -17.23 15.34
CA GLY B 257 4.75 -17.52 16.77
C GLY B 257 5.68 -16.64 17.58
N THR B 258 5.38 -16.47 18.86
CA THR B 258 6.18 -15.64 19.74
C THR B 258 6.82 -16.39 20.89
N THR B 259 6.58 -17.70 21.00
CA THR B 259 7.23 -18.52 22.02
C THR B 259 8.42 -19.30 21.49
N GLY B 260 8.40 -19.67 20.21
CA GLY B 260 9.46 -20.45 19.63
C GLY B 260 9.17 -21.93 19.50
N ASN B 261 7.96 -22.37 19.80
CA ASN B 261 7.60 -23.78 19.72
C ASN B 261 7.68 -24.26 18.28
N ASN B 262 8.16 -25.49 18.10
CA ASN B 262 8.29 -26.08 16.77
C ASN B 262 8.03 -27.57 16.90
N SER B 263 6.91 -28.04 16.34
CA SER B 263 6.55 -29.45 16.41
C SER B 263 7.32 -30.30 15.40
N ASN B 264 8.09 -29.68 14.51
CA ASN B 264 8.80 -30.41 13.47
C ASN B 264 10.23 -30.77 13.89
N TYR B 265 10.97 -29.80 14.43
CA TYR B 265 12.35 -30.01 14.84
C TYR B 265 12.54 -30.00 16.34
N GLY B 266 11.58 -29.50 17.10
CA GLY B 266 11.70 -29.38 18.53
C GLY B 266 11.86 -27.94 18.97
N THR B 267 11.46 -27.70 20.22
CA THR B 267 11.52 -26.34 20.78
C THR B 267 12.90 -26.05 21.33
N THR B 268 13.48 -24.92 20.92
CA THR B 268 14.76 -24.49 21.45
C THR B 268 14.62 -24.08 22.91
N ARG B 269 15.57 -24.48 23.74
CA ARG B 269 15.51 -24.25 25.16
C ARG B 269 16.30 -23.01 25.54
N ASN B 270 15.84 -22.34 26.58
CA ASN B 270 16.46 -21.09 27.02
C ASN B 270 17.78 -21.40 27.73
N PRO B 271 18.89 -20.75 27.36
CA PRO B 271 20.15 -21.01 28.06
C PRO B 271 20.13 -20.68 29.54
N HIS B 272 19.19 -19.84 29.99
CA HIS B 272 19.08 -19.55 31.41
C HIS B 272 18.28 -20.61 32.17
N ASP B 273 17.36 -21.29 31.47
CA ASP B 273 16.56 -22.35 32.07
C ASP B 273 16.06 -23.27 30.96
N PRO B 274 16.65 -24.45 30.81
CA PRO B 274 16.29 -25.32 29.68
C PRO B 274 14.84 -25.79 29.67
N LYS B 275 14.09 -25.56 30.75
CA LYS B 275 12.69 -25.94 30.79
C LYS B 275 11.76 -24.81 30.34
N ARG B 276 12.31 -23.72 29.82
CA ARG B 276 11.54 -22.54 29.46
C ARG B 276 11.71 -22.23 27.98
N TYR B 277 10.78 -21.41 27.47
CA TYR B 277 10.85 -20.94 26.10
C TYR B 277 11.94 -19.89 25.94
N THR B 278 12.42 -19.74 24.71
CA THR B 278 13.39 -18.69 24.39
C THR B 278 12.73 -17.42 23.90
N GLY B 279 11.60 -17.53 23.20
CA GLY B 279 10.98 -16.40 22.56
C GLY B 279 10.93 -16.55 21.05
N GLY B 280 9.87 -16.07 20.44
CA GLY B 280 9.69 -16.23 19.00
C GLY B 280 9.90 -14.95 18.22
N SER B 281 10.24 -15.09 16.94
CA SER B 281 10.36 -16.40 16.32
C SER B 281 11.82 -16.82 16.13
N SER B 282 12.75 -15.93 16.50
CA SER B 282 14.17 -16.23 16.37
C SER B 282 14.67 -17.03 17.58
N SER B 283 14.04 -18.19 17.77
CA SER B 283 14.36 -19.02 18.93
C SER B 283 15.81 -19.51 18.89
N GLY B 284 16.21 -20.09 17.76
CA GLY B 284 17.55 -20.66 17.66
C GLY B 284 18.64 -19.59 17.61
N SER B 285 18.37 -18.47 16.92
CA SER B 285 19.40 -17.45 16.78
C SER B 285 19.75 -16.81 18.12
N ALA B 286 18.76 -16.65 18.99
CA ALA B 286 19.01 -16.00 20.27
C ALA B 286 19.64 -16.95 21.27
N ALA B 287 19.22 -18.22 21.26
CA ALA B 287 19.74 -19.17 22.24
C ALA B 287 21.16 -19.59 21.92
N ILE B 288 21.53 -19.64 20.63
CA ILE B 288 22.90 -19.99 20.27
C ILE B 288 23.85 -18.84 20.56
N VAL B 289 23.34 -17.61 20.64
CA VAL B 289 24.14 -16.46 21.05
C VAL B 289 24.17 -16.32 22.56
N ALA B 290 23.04 -16.52 23.23
CA ALA B 290 22.99 -16.42 24.68
C ALA B 290 23.81 -17.52 25.34
N ALA B 291 23.80 -18.72 24.76
CA ALA B 291 24.66 -19.79 25.26
C ALA B 291 26.13 -19.54 24.99
N GLY B 292 26.45 -18.57 24.13
CA GLY B 292 27.82 -18.21 23.87
C GLY B 292 28.49 -18.95 22.73
N LEU B 293 27.77 -19.84 22.04
CA LEU B 293 28.39 -20.67 21.01
C LEU B 293 28.97 -19.81 19.89
N CYS B 294 28.21 -18.83 19.41
CA CYS B 294 28.65 -17.96 18.34
C CYS B 294 28.55 -16.50 18.78
N SER B 295 29.24 -15.63 18.05
CA SER B 295 29.30 -14.22 18.43
C SER B 295 27.95 -13.55 18.25
N ALA B 296 27.30 -13.76 17.11
CA ALA B 296 26.04 -13.09 16.82
C ALA B 296 25.20 -13.97 15.91
N ALA B 297 24.00 -13.49 15.59
CA ALA B 297 23.09 -14.21 14.73
C ALA B 297 22.11 -13.21 14.11
N LEU B 298 21.56 -13.60 12.96
CA LEU B 298 20.61 -12.77 12.24
C LEU B 298 19.22 -13.39 12.31
N GLY B 299 18.21 -12.55 12.41
CA GLY B 299 16.83 -13.01 12.43
C GLY B 299 15.91 -11.94 11.90
N THR B 300 14.74 -12.38 11.43
CA THR B 300 13.72 -11.43 10.99
C THR B 300 12.93 -10.93 12.20
N ASP B 301 12.28 -9.78 12.02
CA ASP B 301 11.45 -9.18 13.07
C ASP B 301 10.22 -8.58 12.39
N GLY B 302 9.10 -9.28 12.46
CA GLY B 302 7.86 -8.79 11.91
C GLY B 302 6.83 -8.50 12.98
N GLY B 303 7.05 -9.04 14.17
CA GLY B 303 6.20 -8.80 15.30
C GLY B 303 6.97 -8.91 16.60
N GLY B 304 8.23 -8.46 16.57
CA GLY B 304 9.11 -8.59 17.71
C GLY B 304 9.97 -9.83 17.70
N ALA B 305 10.13 -10.49 16.56
CA ALA B 305 10.84 -11.76 16.48
C ALA B 305 12.34 -11.64 16.76
N VAL B 306 12.87 -10.43 16.96
CA VAL B 306 14.26 -10.25 17.33
C VAL B 306 14.38 -9.67 18.74
N ARG B 307 13.48 -8.78 19.12
CA ARG B 307 13.54 -8.15 20.44
C ARG B 307 12.99 -9.04 21.54
N ILE B 308 12.01 -9.88 21.23
CA ILE B 308 11.38 -10.74 22.24
C ILE B 308 12.33 -11.87 22.65
N PRO B 309 12.89 -12.66 21.73
CA PRO B 309 13.85 -13.69 22.18
C PRO B 309 15.11 -13.11 22.79
N SER B 310 15.48 -11.89 22.42
CA SER B 310 16.64 -11.24 23.03
C SER B 310 16.37 -10.89 24.47
N ALA B 311 15.20 -10.29 24.75
CA ALA B 311 14.87 -9.91 26.11
C ALA B 311 14.76 -11.12 27.03
N LEU B 312 14.28 -12.26 26.51
CA LEU B 312 14.11 -13.43 27.35
C LEU B 312 15.41 -14.19 27.55
N CYS B 313 16.35 -14.08 26.61
CA CYS B 313 17.63 -14.78 26.70
C CYS B 313 18.77 -13.86 27.15
N GLY B 314 18.47 -12.62 27.53
CA GLY B 314 19.48 -11.74 28.06
C GLY B 314 20.51 -11.26 27.08
N ILE B 315 20.15 -11.09 25.81
CA ILE B 315 21.09 -10.55 24.82
C ILE B 315 20.50 -9.29 24.21
N THR B 316 21.21 -8.73 23.24
CA THR B 316 20.82 -7.47 22.60
C THR B 316 20.29 -7.75 21.20
N GLY B 317 19.02 -7.42 20.99
CA GLY B 317 18.39 -7.58 19.69
C GLY B 317 18.02 -6.21 19.11
N LEU B 318 18.50 -5.96 17.90
CA LEU B 318 18.30 -4.69 17.21
C LEU B 318 17.30 -4.88 16.08
N LYS B 319 16.14 -4.25 16.23
CA LYS B 319 15.15 -4.15 15.17
C LYS B 319 15.34 -2.79 14.51
N THR B 320 15.80 -2.79 13.26
CA THR B 320 16.12 -1.55 12.57
C THR B 320 14.90 -0.99 11.85
N THR B 321 15.08 0.17 11.24
CA THR B 321 13.99 0.81 10.50
C THR B 321 13.58 -0.04 9.31
N TYR B 322 12.28 -0.03 9.01
CA TYR B 322 11.76 -0.74 7.84
C TYR B 322 12.49 -0.30 6.59
N GLY B 323 13.12 -1.25 5.90
CA GLY B 323 13.85 -0.97 4.68
C GLY B 323 15.28 -0.53 4.86
N ARG B 324 15.74 -0.37 6.10
CA ARG B 324 17.13 0.03 6.34
C ARG B 324 18.09 -1.03 5.81
N THR B 325 17.78 -2.30 6.05
CA THR B 325 18.61 -3.42 5.61
C THR B 325 17.86 -4.22 4.56
N ASP B 326 18.51 -4.46 3.43
CA ASP B 326 17.89 -5.22 2.34
C ASP B 326 17.47 -6.60 2.83
N MET B 327 16.20 -6.95 2.59
CA MET B 327 15.66 -8.25 2.95
C MET B 327 15.66 -9.23 1.78
N THR B 328 16.43 -8.95 0.73
CA THR B 328 16.44 -9.82 -0.43
C THR B 328 16.98 -11.20 -0.06
N GLY B 329 16.19 -12.23 -0.35
CA GLY B 329 16.58 -13.60 -0.03
C GLY B 329 16.03 -14.08 1.29
N SER B 330 14.77 -13.75 1.58
CA SER B 330 14.13 -14.20 2.79
C SER B 330 12.66 -14.46 2.50
N LEU B 331 12.01 -15.18 3.43
CA LEU B 331 10.62 -15.57 3.25
C LEU B 331 9.65 -14.43 3.47
N CYS B 332 10.12 -13.28 3.96
CA CYS B 332 9.25 -12.15 4.28
C CYS B 332 9.56 -10.92 3.43
N GLU B 333 10.28 -11.10 2.33
CA GLU B 333 10.49 -10.00 1.40
C GLU B 333 9.17 -9.61 0.75
N GLY B 334 8.96 -8.30 0.59
CA GLY B 334 7.69 -7.78 0.14
C GLY B 334 6.72 -7.45 1.25
N GLY B 335 6.93 -7.98 2.45
CA GLY B 335 6.10 -7.63 3.58
C GLY B 335 6.32 -6.20 4.02
N THR B 336 5.38 -5.71 4.83
CA THR B 336 5.37 -4.30 5.23
C THR B 336 5.63 -4.08 6.71
N VAL B 337 6.05 -5.11 7.45
CA VAL B 337 6.30 -4.96 8.88
C VAL B 337 7.60 -5.65 9.29
N GLU B 338 8.27 -6.30 8.34
CA GLU B 338 9.42 -7.13 8.65
C GLU B 338 10.73 -6.40 8.35
N ILE B 339 11.77 -6.76 9.12
CA ILE B 339 13.15 -6.36 8.86
C ILE B 339 14.03 -7.57 9.13
N ILE B 340 15.33 -7.40 8.89
CA ILE B 340 16.34 -8.38 9.29
C ILE B 340 17.33 -7.67 10.19
N GLY B 341 17.36 -8.05 11.47
CA GLY B 341 18.22 -7.41 12.42
C GLY B 341 19.20 -8.35 13.07
N PRO B 342 20.24 -7.82 13.69
CA PRO B 342 21.24 -8.65 14.37
C PRO B 342 20.87 -8.93 15.82
N LEU B 343 21.29 -10.11 16.27
CA LEU B 343 21.20 -10.51 17.67
C LEU B 343 22.61 -10.83 18.15
N ALA B 344 23.03 -10.19 19.24
CA ALA B 344 24.38 -10.35 19.75
C ALA B 344 24.35 -10.28 21.28
N SER B 345 25.44 -10.70 21.90
CA SER B 345 25.55 -10.77 23.34
C SER B 345 26.03 -9.45 23.96
N SER B 346 26.20 -8.40 23.17
CA SER B 346 26.63 -7.11 23.68
C SER B 346 26.27 -6.04 22.65
N LEU B 347 26.27 -4.79 23.12
CA LEU B 347 25.99 -3.67 22.23
C LEU B 347 27.10 -3.48 21.20
N GLU B 348 28.35 -3.72 21.60
CA GLU B 348 29.47 -3.58 20.67
C GLU B 348 29.36 -4.57 19.52
N ASP B 349 29.00 -5.82 19.81
CA ASP B 349 28.87 -6.83 18.76
C ASP B 349 27.68 -6.52 17.85
N ALA B 350 26.52 -6.20 18.44
CA ALA B 350 25.34 -5.90 17.65
C ALA B 350 25.57 -4.67 16.76
N PHE B 351 26.35 -3.70 17.25
CA PHE B 351 26.67 -2.53 16.45
C PHE B 351 27.56 -2.89 15.26
N LEU B 352 28.41 -3.91 15.42
CA LEU B 352 29.30 -4.31 14.32
C LEU B 352 28.58 -5.18 13.30
N VAL B 353 27.66 -6.03 13.76
CA VAL B 353 26.90 -6.85 12.81
C VAL B 353 25.92 -5.99 12.04
N TYR B 354 25.35 -4.97 12.68
CA TYR B 354 24.49 -4.04 11.96
C TYR B 354 25.27 -3.18 10.98
N ALA B 355 26.57 -2.98 11.25
CA ALA B 355 27.35 -2.05 10.44
C ALA B 355 27.55 -2.56 9.02
N ALA B 356 27.85 -3.85 8.86
CA ALA B 356 28.19 -4.39 7.56
C ALA B 356 27.04 -5.09 6.85
N ILE B 357 25.89 -5.29 7.52
CA ILE B 357 24.72 -5.87 6.85
C ILE B 357 23.74 -4.81 6.37
N LEU B 358 23.89 -3.56 6.80
CA LEU B 358 22.93 -2.53 6.42
C LEU B 358 23.05 -2.21 4.93
N GLY B 359 22.09 -1.43 4.43
CA GLY B 359 22.03 -1.08 3.03
C GLY B 359 20.70 -1.43 2.42
N SER B 360 20.02 -0.42 1.85
CA SER B 360 18.68 -0.63 1.33
C SER B 360 18.72 -1.27 -0.05
N SER B 361 17.65 -1.99 -0.38
CA SER B 361 17.48 -2.49 -1.73
C SER B 361 17.22 -1.35 -2.70
N SER B 362 17.35 -1.65 -3.99
CA SER B 362 17.17 -0.61 -5.00
C SER B 362 15.73 -0.06 -4.98
N ALA B 363 14.76 -0.91 -4.67
CA ALA B 363 13.37 -0.44 -4.63
C ALA B 363 13.10 0.37 -3.37
N ASP B 364 13.59 -0.09 -2.21
CA ASP B 364 13.39 0.65 -0.97
C ASP B 364 14.15 1.96 -0.95
N ARG B 365 15.32 2.00 -1.60
CA ARG B 365 16.08 3.24 -1.66
C ARG B 365 15.29 4.35 -2.34
N TYR B 366 14.43 3.99 -3.30
CA TYR B 366 13.63 4.97 -4.02
C TYR B 366 12.28 5.20 -3.38
N ASN B 367 11.62 4.13 -2.90
CA ASN B 367 10.30 4.29 -2.31
C ASN B 367 10.36 4.88 -0.92
N LEU B 368 11.30 4.40 -0.09
CA LEU B 368 11.40 4.85 1.30
C LEU B 368 12.34 6.05 1.47
N LYS B 369 13.33 6.19 0.58
CA LYS B 369 14.31 7.26 0.62
C LYS B 369 14.95 7.40 1.99
N PRO B 370 15.76 6.43 2.41
CA PRO B 370 16.40 6.52 3.73
C PRO B 370 17.53 7.53 3.76
N SER B 371 17.64 8.23 4.88
CA SER B 371 18.80 9.09 5.10
C SER B 371 20.05 8.23 5.24
N PRO B 372 21.23 8.81 4.99
CA PRO B 372 22.48 8.04 5.10
C PRO B 372 22.61 7.39 6.48
N PRO B 373 23.11 6.16 6.54
CA PRO B 373 23.22 5.48 7.83
C PRO B 373 24.26 6.15 8.72
N CYS B 374 23.93 6.28 10.00
CA CYS B 374 24.77 6.97 10.97
C CYS B 374 25.24 6.01 12.05
N PHE B 375 26.47 6.19 12.49
CA PHE B 375 27.02 5.42 13.59
C PHE B 375 27.18 6.31 14.81
N PRO B 376 26.84 5.82 16.00
CA PRO B 376 27.05 6.61 17.22
C PRO B 376 28.50 6.60 17.64
N LYS B 377 28.92 7.68 18.29
CA LYS B 377 30.27 7.79 18.83
C LYS B 377 30.27 7.19 20.22
N LEU B 378 30.68 5.93 20.32
CA LEU B 378 30.64 5.22 21.59
C LEU B 378 31.82 5.54 22.50
N LEU B 379 32.90 6.10 21.95
CA LEU B 379 33.88 6.77 22.80
C LEU B 379 33.19 8.01 23.35
N SER B 380 32.58 7.88 24.53
CA SER B 380 31.42 8.69 24.91
C SER B 380 31.74 9.84 25.87
N HIS B 381 32.68 9.66 26.79
CA HIS B 381 32.77 10.59 27.92
C HIS B 381 33.21 11.98 27.47
N ASN B 382 34.42 12.10 26.92
CA ASN B 382 34.87 13.36 26.36
C ASN B 382 34.24 13.66 25.01
N GLY B 383 33.47 12.74 24.44
CA GLY B 383 32.96 12.94 23.09
C GLY B 383 31.47 12.74 22.91
N SER B 384 30.69 12.90 23.98
CA SER B 384 29.24 12.76 23.86
C SER B 384 28.58 13.50 25.01
N ASN B 385 27.92 14.62 24.69
CA ASN B 385 27.01 15.28 25.60
C ASN B 385 25.55 15.07 25.22
N ALA B 386 25.28 14.19 24.24
CA ALA B 386 23.95 14.08 23.67
C ALA B 386 23.03 13.17 24.48
N ILE B 387 23.59 12.23 25.25
CA ILE B 387 22.75 11.31 26.02
C ILE B 387 21.85 12.08 26.96
N GLY B 388 22.42 13.05 27.69
CA GLY B 388 21.64 13.84 28.62
C GLY B 388 20.55 14.65 27.96
N SER B 389 20.79 15.13 26.74
CA SER B 389 19.79 15.88 25.99
C SER B 389 18.75 14.98 25.32
N LEU B 390 18.83 13.67 25.51
CA LEU B 390 17.85 12.74 24.95
C LEU B 390 16.66 12.66 25.89
N ARG B 391 15.53 13.22 25.46
CA ARG B 391 14.30 13.13 26.23
C ARG B 391 13.68 11.76 26.04
N LEU B 392 13.32 11.11 27.15
CA LEU B 392 12.81 9.74 27.15
C LEU B 392 11.30 9.77 27.39
N GLY B 393 10.54 9.29 26.41
CA GLY B 393 9.10 9.26 26.54
C GLY B 393 8.60 8.03 27.27
N LYS B 394 7.83 8.22 28.34
CA LYS B 394 7.34 7.13 29.16
C LYS B 394 5.82 7.22 29.27
N TYR B 395 5.13 6.15 28.85
CA TYR B 395 3.70 6.00 29.04
C TYR B 395 3.51 5.12 30.28
N THR B 396 3.21 5.75 31.41
CA THR B 396 3.28 5.07 32.70
C THR B 396 2.28 3.92 32.78
N LYS B 397 1.02 4.17 32.43
CA LYS B 397 0.01 3.11 32.44
C LYS B 397 0.43 1.94 31.56
N TRP B 398 1.04 2.25 30.42
CA TRP B 398 1.56 1.20 29.54
C TRP B 398 2.80 0.55 30.15
N PHE B 399 3.69 1.37 30.70
CA PHE B 399 4.95 0.88 31.25
C PHE B 399 4.72 -0.14 32.35
N ASN B 400 3.73 0.11 33.21
CA ASN B 400 3.49 -0.72 34.39
C ASN B 400 2.61 -1.93 34.11
N ASP B 401 2.09 -2.07 32.89
CA ASP B 401 1.20 -3.18 32.56
C ASP B 401 2.04 -4.42 32.22
N VAL B 402 2.60 -5.01 33.28
CA VAL B 402 3.40 -6.22 33.16
C VAL B 402 2.95 -7.22 34.21
N SER B 403 3.20 -8.49 33.94
CA SER B 403 2.82 -9.58 34.83
C SER B 403 3.65 -9.57 36.11
N SER B 404 4.94 -9.83 35.98
CA SER B 404 5.85 -9.77 37.11
C SER B 404 6.18 -8.32 37.42
N SER B 405 5.94 -7.90 38.67
CA SER B 405 6.24 -6.52 39.06
C SER B 405 7.73 -6.21 38.98
N ASP B 406 8.58 -7.24 38.98
CA ASP B 406 10.03 -7.02 38.92
C ASP B 406 10.45 -6.35 37.61
N ILE B 407 9.66 -6.53 36.55
CA ILE B 407 10.03 -5.98 35.24
C ILE B 407 9.86 -4.46 35.23
N SER B 408 8.73 -3.97 35.75
CA SER B 408 8.49 -2.54 35.79
C SER B 408 9.47 -1.84 36.74
N ASP B 409 9.84 -2.50 37.83
CA ASP B 409 10.78 -1.90 38.77
C ASP B 409 12.20 -1.86 38.20
N LYS B 410 12.63 -2.94 37.55
CA LYS B 410 13.98 -2.99 37.01
C LYS B 410 14.16 -1.99 35.87
N CYS B 411 13.15 -1.84 35.02
CA CYS B 411 13.22 -0.86 33.95
C CYS B 411 13.11 0.56 34.47
N GLU B 412 12.30 0.77 35.52
CA GLU B 412 12.20 2.10 36.13
C GLU B 412 13.50 2.49 36.82
N ASP B 413 14.26 1.52 37.33
CA ASP B 413 15.57 1.83 37.89
C ASP B 413 16.53 2.35 36.84
N ILE B 414 16.44 1.84 35.61
CA ILE B 414 17.33 2.28 34.54
C ILE B 414 17.06 3.74 34.20
N LEU B 415 15.78 4.12 34.05
CA LEU B 415 15.45 5.51 33.80
C LEU B 415 15.92 6.42 34.93
N LYS B 416 15.88 5.92 36.17
CA LYS B 416 16.41 6.67 37.30
C LYS B 416 17.91 6.89 37.16
N LEU B 417 18.65 5.83 36.81
CA LEU B 417 20.09 5.94 36.65
C LEU B 417 20.46 6.81 35.46
N LEU B 418 19.69 6.71 34.36
CA LEU B 418 19.95 7.54 33.19
C LEU B 418 19.78 9.02 33.53
N SER B 419 18.85 9.36 34.42
CA SER B 419 18.69 10.75 34.82
C SER B 419 19.81 11.21 35.74
N ASN B 420 20.27 10.32 36.64
CA ASN B 420 21.28 10.73 37.60
C ASN B 420 22.66 10.85 36.96
N ASN B 421 23.04 9.89 36.12
CA ASN B 421 24.40 9.84 35.58
C ASN B 421 24.56 10.66 34.30
N HIS B 422 23.50 10.80 33.51
CA HIS B 422 23.59 11.54 32.26
C HIS B 422 22.70 12.76 32.18
N GLY B 423 21.58 12.76 32.90
CA GLY B 423 20.68 13.90 32.91
C GLY B 423 19.48 13.79 31.99
N CYS B 424 19.17 12.58 31.49
CA CYS B 424 18.04 12.41 30.58
C CYS B 424 16.74 12.76 31.28
N LYS B 425 15.83 13.38 30.54
CA LYS B 425 14.52 13.73 31.05
C LYS B 425 13.51 12.66 30.66
N VAL B 426 12.76 12.17 31.64
CA VAL B 426 11.68 11.22 31.41
C VAL B 426 10.41 12.02 31.26
N VAL B 427 9.83 12.00 30.06
CA VAL B 427 8.63 12.76 29.74
C VAL B 427 7.44 11.81 29.74
N GLU B 428 6.34 12.25 30.37
CA GLU B 428 5.12 11.45 30.40
C GLU B 428 4.40 11.60 29.07
N ILE B 429 4.31 10.52 28.30
CA ILE B 429 3.62 10.52 27.02
C ILE B 429 2.41 9.61 27.12
N VAL B 430 1.62 9.54 26.05
CA VAL B 430 0.45 8.67 25.98
C VAL B 430 0.32 8.14 24.56
N VAL B 431 0.24 6.82 24.43
CA VAL B 431 0.12 6.17 23.13
C VAL B 431 -1.33 5.73 22.94
N PRO B 432 -2.13 6.46 22.18
CA PRO B 432 -3.55 6.12 22.05
C PRO B 432 -3.77 4.94 21.13
N GLU B 433 -4.93 4.30 21.33
CA GLU B 433 -5.42 3.23 20.45
C GLU B 433 -4.42 2.09 20.33
N LEU B 434 -4.02 1.55 21.49
CA LEU B 434 -3.15 0.38 21.48
C LEU B 434 -3.88 -0.86 20.98
N GLU B 435 -5.17 -0.99 21.35
CA GLU B 435 -5.94 -2.14 20.89
C GLU B 435 -6.11 -2.13 19.38
N GLU B 436 -6.29 -0.95 18.79
CA GLU B 436 -6.34 -0.85 17.33
C GLU B 436 -5.02 -1.27 16.70
N MET B 437 -3.90 -1.01 17.38
CA MET B 437 -2.60 -1.37 16.84
C MET B 437 -2.42 -2.88 16.76
N ARG B 438 -3.00 -3.63 17.70
CA ARG B 438 -2.92 -5.09 17.64
C ARG B 438 -3.64 -5.62 16.41
N ALA B 439 -4.88 -5.20 16.21
CA ALA B 439 -5.62 -5.62 15.02
C ALA B 439 -4.95 -5.09 13.75
N ALA B 440 -4.49 -3.85 13.78
CA ALA B 440 -3.81 -3.29 12.62
C ALA B 440 -2.49 -3.97 12.31
N HIS B 441 -1.92 -4.74 13.25
CA HIS B 441 -0.69 -5.48 13.00
C HIS B 441 -0.93 -6.91 12.53
N VAL B 442 -1.95 -7.59 13.06
CA VAL B 442 -2.10 -9.03 12.80
C VAL B 442 -2.45 -9.30 11.35
N ILE B 443 -3.28 -8.44 10.72
CA ILE B 443 -3.67 -8.69 9.35
C ILE B 443 -2.64 -8.15 8.36
N SER B 444 -1.77 -7.23 8.78
CA SER B 444 -0.73 -6.74 7.90
C SER B 444 0.46 -7.69 7.78
N ILE B 445 0.69 -8.52 8.80
CA ILE B 445 1.76 -9.51 8.76
C ILE B 445 1.27 -10.85 8.23
N GLY B 446 0.03 -11.24 8.56
CA GLY B 446 -0.46 -12.55 8.16
C GLY B 446 -0.89 -12.63 6.71
N SER B 447 -1.30 -11.50 6.12
CA SER B 447 -1.81 -11.55 4.75
C SER B 447 -0.71 -11.83 3.73
N PRO B 448 0.43 -11.12 3.72
CA PRO B 448 1.49 -11.48 2.76
C PRO B 448 2.08 -12.85 3.02
N THR B 449 2.11 -13.30 4.28
CA THR B 449 2.59 -14.64 4.59
C THR B 449 1.67 -15.69 3.97
N LEU B 450 0.36 -15.53 4.16
CA LEU B 450 -0.60 -16.47 3.57
C LEU B 450 -0.63 -16.36 2.05
N SER B 451 -0.41 -15.16 1.52
CA SER B 451 -0.47 -14.99 0.07
C SER B 451 0.72 -15.64 -0.62
N SER B 452 1.90 -15.55 -0.03
CA SER B 452 3.08 -16.16 -0.64
C SER B 452 3.12 -17.67 -0.48
N LEU B 453 2.21 -18.25 0.31
CA LEU B 453 2.15 -19.69 0.51
C LEU B 453 0.81 -20.30 0.11
N THR B 454 -0.15 -19.50 -0.34
CA THR B 454 -1.44 -20.05 -0.75
C THR B 454 -1.33 -21.03 -1.90
N PRO B 455 -0.59 -20.76 -2.99
CA PRO B 455 -0.45 -21.78 -4.05
C PRO B 455 0.11 -23.09 -3.55
N TYR B 456 0.92 -23.07 -2.49
CA TYR B 456 1.45 -24.30 -1.91
C TYR B 456 0.39 -25.01 -1.08
N CYS B 457 -0.31 -24.25 -0.22
CA CYS B 457 -1.35 -24.85 0.62
C CYS B 457 -2.52 -25.35 -0.23
N GLU B 458 -2.86 -24.64 -1.31
CA GLU B 458 -3.90 -25.11 -2.21
C GLU B 458 -3.49 -26.39 -2.93
N ALA B 459 -2.19 -26.67 -3.04
CA ALA B 459 -1.70 -27.89 -3.66
C ALA B 459 -1.66 -29.07 -2.69
N GLY B 460 -2.30 -28.95 -1.53
CA GLY B 460 -2.31 -30.01 -0.55
C GLY B 460 -1.22 -29.94 0.51
N LYS B 461 -0.32 -28.97 0.42
CA LYS B 461 0.78 -28.82 1.37
C LYS B 461 0.35 -28.16 2.67
N ASN B 462 -0.93 -27.76 2.79
CA ASN B 462 -1.37 -27.11 4.02
C ASN B 462 -1.36 -28.07 5.20
N SER B 463 -1.53 -29.37 4.94
CA SER B 463 -1.47 -30.36 6.00
C SER B 463 -0.05 -30.61 6.50
N LYS B 464 0.96 -30.20 5.72
CA LYS B 464 2.35 -30.35 6.12
C LYS B 464 2.82 -29.26 7.08
N LEU B 465 1.97 -28.30 7.40
CA LEU B 465 2.32 -27.27 8.38
C LEU B 465 1.95 -27.74 9.78
N SER B 466 2.50 -27.05 10.78
CA SER B 466 2.19 -27.38 12.16
C SER B 466 0.78 -26.89 12.53
N TYR B 467 0.24 -27.46 13.60
CA TYR B 467 -1.07 -27.04 14.07
C TYR B 467 -1.08 -25.63 14.60
N ASP B 468 0.07 -25.11 15.02
CA ASP B 468 0.16 -23.71 15.46
C ASP B 468 0.05 -22.76 14.27
N THR B 469 0.65 -23.13 13.13
CA THR B 469 0.56 -22.29 11.94
C THR B 469 -0.82 -22.38 11.30
N ARG B 470 -1.39 -23.59 11.23
CA ARG B 470 -2.72 -23.75 10.67
C ARG B 470 -3.79 -23.09 11.52
N THR B 471 -3.53 -22.87 12.82
CA THR B 471 -4.44 -22.08 13.63
C THR B 471 -4.40 -20.61 13.21
N SER B 472 -3.21 -20.09 12.91
CA SER B 472 -3.08 -18.72 12.45
C SER B 472 -3.55 -18.57 11.01
N PHE B 473 -3.27 -19.56 10.16
CA PHE B 473 -3.71 -19.48 8.77
C PHE B 473 -5.23 -19.55 8.65
N ALA B 474 -5.89 -20.27 9.56
CA ALA B 474 -7.35 -20.33 9.53
C ALA B 474 -7.95 -18.96 9.83
N ILE B 475 -7.34 -18.21 10.75
CA ILE B 475 -7.83 -16.88 11.06
C ILE B 475 -7.46 -15.90 9.96
N PHE B 476 -6.32 -16.11 9.29
CA PHE B 476 -5.92 -15.23 8.20
C PHE B 476 -6.85 -15.36 7.01
N ARG B 477 -7.38 -16.56 6.75
CA ARG B 477 -8.29 -16.76 5.63
C ARG B 477 -9.62 -16.06 5.83
N SER B 478 -9.95 -15.67 7.07
CA SER B 478 -11.18 -14.95 7.36
C SER B 478 -11.03 -13.44 7.24
N PHE B 479 -9.84 -12.95 6.91
CA PHE B 479 -9.61 -11.53 6.73
C PHE B 479 -9.98 -11.13 5.30
N SER B 480 -10.94 -10.24 5.14
CA SER B 480 -11.35 -9.82 3.82
C SER B 480 -10.43 -8.72 3.29
N ALA B 481 -10.53 -8.48 1.98
CA ALA B 481 -9.75 -7.41 1.36
C ALA B 481 -10.17 -6.04 1.89
N SER B 482 -11.44 -5.89 2.26
CA SER B 482 -11.89 -4.62 2.85
C SER B 482 -11.37 -4.44 4.26
N ASP B 483 -11.17 -5.54 5.00
CA ASP B 483 -10.57 -5.44 6.33
C ASP B 483 -9.11 -5.04 6.25
N TYR B 484 -8.40 -5.48 5.21
CA TYR B 484 -7.01 -5.04 5.02
C TYR B 484 -6.93 -3.56 4.70
N ILE B 485 -7.91 -3.03 3.96
CA ILE B 485 -7.93 -1.60 3.69
C ILE B 485 -8.17 -0.80 4.97
N ALA B 486 -9.11 -1.25 5.79
CA ALA B 486 -9.40 -0.55 7.03
C ALA B 486 -8.23 -0.63 8.01
N ALA B 487 -7.42 -1.69 7.92
CA ALA B 487 -6.26 -1.80 8.80
C ALA B 487 -5.17 -0.81 8.40
N GLN B 488 -4.98 -0.60 7.10
CA GLN B 488 -4.03 0.42 6.66
C GLN B 488 -4.50 1.82 7.03
N CYS B 489 -5.81 2.00 7.24
CA CYS B 489 -6.32 3.25 7.80
C CYS B 489 -5.83 3.45 9.23
N LEU B 490 -5.90 2.40 10.05
CA LEU B 490 -5.41 2.47 11.41
C LEU B 490 -3.90 2.65 11.46
N ARG B 491 -3.18 2.18 10.43
CA ARG B 491 -1.74 2.38 10.40
C ARG B 491 -1.38 3.85 10.23
N ARG B 492 -2.22 4.63 9.54
CA ARG B 492 -1.93 6.06 9.40
C ARG B 492 -2.21 6.80 10.70
N ARG B 493 -3.31 6.46 11.37
CA ARG B 493 -3.62 7.09 12.65
C ARG B 493 -2.47 6.91 13.63
N LEU B 494 -2.04 5.66 13.83
CA LEU B 494 -0.97 5.38 14.79
C LEU B 494 0.36 5.99 14.36
N MET B 495 0.59 6.10 13.05
CA MET B 495 1.80 6.79 12.59
C MET B 495 1.73 8.27 12.92
N GLU B 496 0.54 8.88 12.81
CA GLU B 496 0.39 10.27 13.17
C GLU B 496 0.58 10.49 14.67
N TYR B 497 0.08 9.54 15.49
CA TYR B 497 0.27 9.64 16.93
C TYR B 497 1.75 9.59 17.30
N HIS B 498 2.48 8.64 16.72
CA HIS B 498 3.87 8.43 17.12
C HIS B 498 4.79 9.52 16.58
N LEU B 499 4.52 10.04 15.38
CA LEU B 499 5.34 11.13 14.88
C LEU B 499 5.14 12.40 15.70
N ASN B 500 3.98 12.56 16.32
CA ASN B 500 3.79 13.70 17.23
C ASN B 500 4.51 13.46 18.56
N ILE B 501 4.54 12.22 19.03
CA ILE B 501 5.29 11.90 20.24
C ILE B 501 6.76 12.24 20.05
N PHE B 502 7.33 11.85 18.90
CA PHE B 502 8.73 12.13 18.61
C PHE B 502 9.01 13.60 18.34
N LYS B 503 8.01 14.47 18.38
CA LYS B 503 8.26 15.90 18.36
C LYS B 503 8.63 16.45 19.73
N ASP B 504 8.24 15.76 20.79
CA ASP B 504 8.63 16.11 22.16
C ASP B 504 9.80 15.27 22.66
N VAL B 505 9.71 13.96 22.54
CA VAL B 505 10.71 13.06 23.07
C VAL B 505 11.56 12.52 21.92
N ASP B 506 12.74 11.98 22.28
CA ASP B 506 13.64 11.41 21.29
C ASP B 506 13.45 9.91 21.12
N VAL B 507 13.11 9.20 22.20
CA VAL B 507 12.87 7.76 22.17
C VAL B 507 11.68 7.45 23.07
N ILE B 508 11.09 6.28 22.86
CA ILE B 508 10.03 5.76 23.71
C ILE B 508 10.59 4.55 24.45
N VAL B 509 10.61 4.64 25.78
CA VAL B 509 11.23 3.61 26.63
C VAL B 509 10.13 2.81 27.30
N THR B 510 10.14 1.50 27.09
CA THR B 510 9.22 0.56 27.69
C THR B 510 9.97 -0.73 27.98
N PRO B 511 9.46 -1.57 28.86
CA PRO B 511 9.97 -2.94 28.94
C PRO B 511 9.79 -3.63 27.60
N THR B 512 10.71 -4.53 27.27
CA THR B 512 10.63 -5.21 25.99
C THR B 512 9.46 -6.20 25.96
N THR B 513 9.29 -6.97 27.04
CA THR B 513 8.21 -7.93 27.15
C THR B 513 7.49 -7.74 28.48
N GLY B 514 6.23 -8.17 28.51
CA GLY B 514 5.45 -8.11 29.74
C GLY B 514 5.76 -9.20 30.74
N MET B 515 6.49 -10.23 30.32
CA MET B 515 6.86 -11.33 31.20
C MET B 515 8.23 -11.84 30.78
N THR B 516 8.89 -12.54 31.71
CA THR B 516 10.13 -13.21 31.35
C THR B 516 9.81 -14.57 30.73
N ALA B 517 10.85 -15.35 30.48
CA ALA B 517 10.73 -16.61 29.77
C ALA B 517 9.75 -17.53 30.49
N PRO B 518 8.65 -17.89 29.84
CA PRO B 518 7.71 -18.82 30.47
C PRO B 518 8.14 -20.26 30.30
N VAL B 519 7.71 -21.10 31.25
CA VAL B 519 8.01 -22.52 31.17
C VAL B 519 7.23 -23.15 30.02
N ILE B 520 7.84 -24.14 29.39
CA ILE B 520 7.21 -24.85 28.28
C ILE B 520 6.26 -25.90 28.85
N PRO B 521 4.96 -25.80 28.59
CA PRO B 521 4.05 -26.87 29.01
C PRO B 521 4.44 -28.18 28.37
N PRO B 522 4.62 -29.24 29.16
CA PRO B 522 5.04 -30.53 28.58
C PRO B 522 4.10 -31.04 27.50
N ASP B 523 2.78 -30.86 27.67
CA ASP B 523 1.84 -31.30 26.66
C ASP B 523 1.95 -30.49 25.38
N ALA B 524 2.63 -29.34 25.41
CA ALA B 524 2.77 -28.51 24.23
C ALA B 524 3.95 -28.92 23.36
N LEU B 525 4.85 -29.75 23.87
CA LEU B 525 6.02 -30.14 23.09
C LEU B 525 5.68 -31.15 22.01
N LYS B 526 4.54 -31.84 22.12
CA LYS B 526 4.21 -32.87 21.14
C LYS B 526 3.82 -32.27 19.80
N ASN B 527 2.77 -31.45 19.79
CA ASN B 527 2.27 -30.83 18.57
C ASN B 527 1.83 -29.39 18.85
N GLY B 528 2.77 -28.58 19.34
CA GLY B 528 2.50 -27.17 19.56
C GLY B 528 1.43 -26.91 20.62
N GLU B 529 0.99 -25.66 20.65
CA GLU B 529 -0.03 -25.21 21.60
C GLU B 529 -0.66 -23.94 21.07
N THR B 530 -1.56 -23.38 21.86
CA THR B 530 -2.17 -22.08 21.57
C THR B 530 -2.53 -21.44 22.89
N ASN B 531 -1.75 -20.43 23.30
CA ASN B 531 -1.93 -19.75 24.57
C ASN B 531 -1.88 -18.25 24.27
N ILE B 532 -3.06 -17.64 24.10
CA ILE B 532 -3.12 -16.23 23.74
C ILE B 532 -2.65 -15.36 24.89
N GLN B 533 -3.02 -15.70 26.13
CA GLN B 533 -2.59 -14.92 27.27
C GLN B 533 -1.08 -14.83 27.38
N VAL B 534 -0.36 -15.81 26.85
CA VAL B 534 1.10 -15.72 26.81
C VAL B 534 1.56 -14.96 25.57
N THR B 535 1.02 -15.30 24.40
CA THR B 535 1.35 -14.55 23.20
C THR B 535 0.79 -13.13 23.21
N THR B 536 0.02 -12.76 24.23
CA THR B 536 -0.38 -11.38 24.42
C THR B 536 0.54 -10.62 25.37
N ASP B 537 1.15 -11.30 26.33
CA ASP B 537 2.12 -10.63 27.20
C ASP B 537 3.48 -10.43 26.55
N LEU B 538 3.68 -10.91 25.32
CA LEU B 538 4.99 -10.85 24.68
C LEU B 538 5.13 -9.73 23.66
N MET B 539 4.06 -9.36 22.95
CA MET B 539 4.11 -8.29 21.96
C MET B 539 3.43 -7.02 22.49
N ARG B 540 3.54 -6.76 23.79
CA ARG B 540 2.84 -5.61 24.35
C ARG B 540 3.53 -4.30 23.99
N PHE B 541 4.86 -4.30 23.83
CA PHE B 541 5.60 -3.08 23.61
C PHE B 541 6.42 -3.11 22.32
N VAL B 542 6.20 -4.10 21.45
CA VAL B 542 7.06 -4.28 20.29
C VAL B 542 6.33 -4.13 18.96
N LEU B 543 5.00 -3.94 18.97
CA LEU B 543 4.27 -3.94 17.72
C LEU B 543 4.46 -2.64 16.94
N ALA B 544 4.56 -1.51 17.64
CA ALA B 544 4.65 -0.21 16.96
C ALA B 544 5.86 -0.14 16.04
N ALA B 545 6.98 -0.79 16.42
CA ALA B 545 8.16 -0.78 15.57
C ALA B 545 7.94 -1.54 14.27
N ASN B 546 6.99 -2.49 14.24
CA ASN B 546 6.70 -3.26 13.04
C ASN B 546 5.65 -2.59 12.18
N LEU B 547 4.52 -2.21 12.79
CA LEU B 547 3.44 -1.57 12.05
C LEU B 547 3.87 -0.22 11.50
N LEU B 548 4.71 0.51 12.24
CA LEU B 548 5.11 1.86 11.85
C LEU B 548 6.57 1.93 11.39
N GLY B 549 7.31 0.83 11.47
CA GLY B 549 8.65 0.77 10.91
C GLY B 549 9.75 1.38 11.75
N PHE B 550 9.44 1.84 12.96
CA PHE B 550 10.44 2.52 13.77
C PHE B 550 11.53 1.54 14.23
N PRO B 551 12.78 1.99 14.33
CA PRO B 551 13.81 1.12 14.92
C PRO B 551 13.64 1.02 16.42
N ALA B 552 13.85 -0.18 16.94
CA ALA B 552 13.76 -0.46 18.36
C ALA B 552 14.83 -1.48 18.73
N ILE B 553 15.42 -1.30 19.92
CA ILE B 553 16.46 -2.20 20.42
C ILE B 553 16.07 -2.68 21.80
N SER B 554 16.39 -3.93 22.09
CA SER B 554 16.17 -4.52 23.41
C SER B 554 17.52 -4.75 24.08
N VAL B 555 17.73 -4.10 25.21
CA VAL B 555 18.99 -4.18 25.96
C VAL B 555 18.68 -4.79 27.32
N PRO B 556 19.47 -5.75 27.80
CA PRO B 556 19.22 -6.32 29.12
C PRO B 556 19.45 -5.29 30.22
N VAL B 557 18.64 -5.36 31.28
CA VAL B 557 18.70 -4.37 32.34
C VAL B 557 18.66 -5.03 33.72
N GLY B 558 18.73 -6.35 33.77
CA GLY B 558 18.79 -7.04 35.04
C GLY B 558 18.00 -8.33 35.01
N TYR B 559 17.65 -8.80 36.21
CA TYR B 559 16.96 -10.07 36.39
C TYR B 559 15.87 -9.91 37.43
N ASP B 560 14.91 -10.84 37.41
CA ASP B 560 13.80 -10.82 38.35
C ASP B 560 14.14 -11.69 39.57
N LYS B 561 13.13 -12.14 40.31
CA LYS B 561 13.38 -12.92 41.52
C LYS B 561 14.06 -14.24 41.19
N GLU B 562 13.63 -14.90 40.12
CA GLU B 562 14.17 -16.20 39.73
C GLU B 562 15.41 -16.10 38.86
N GLY B 563 15.92 -14.90 38.61
CA GLY B 563 17.11 -14.74 37.82
C GLY B 563 16.90 -14.80 36.32
N LEU B 564 15.70 -14.49 35.86
CA LEU B 564 15.41 -14.46 34.43
C LEU B 564 15.67 -13.07 33.86
N PRO B 565 16.26 -12.99 32.67
CA PRO B 565 16.65 -11.69 32.10
C PRO B 565 15.45 -10.81 31.81
N ILE B 566 15.55 -9.55 32.24
CA ILE B 566 14.57 -8.52 31.93
C ILE B 566 15.15 -7.59 30.87
N GLY B 567 14.37 -7.29 29.85
CA GLY B 567 14.81 -6.46 28.74
C GLY B 567 14.11 -5.11 28.73
N LEU B 568 14.83 -4.10 28.28
CA LEU B 568 14.29 -2.75 28.10
C LEU B 568 14.33 -2.40 26.62
N GLN B 569 13.24 -1.80 26.13
CA GLN B 569 13.13 -1.44 24.72
C GLN B 569 13.28 0.07 24.55
N ILE B 570 14.09 0.47 23.59
CA ILE B 570 14.32 1.87 23.26
C ILE B 570 13.96 2.04 21.78
N MET B 571 12.86 2.72 21.51
CA MET B 571 12.37 2.93 20.16
C MET B 571 12.51 4.40 19.79
N GLY B 572 13.27 4.69 18.74
CA GLY B 572 13.52 6.03 18.31
C GLY B 572 12.86 6.39 16.99
N ARG B 573 13.25 7.55 16.46
CA ARG B 573 12.70 8.07 15.22
C ARG B 573 13.11 7.20 14.04
N PRO B 574 12.45 7.36 12.90
CA PRO B 574 12.88 6.64 11.69
C PRO B 574 14.32 6.96 11.33
N TRP B 575 15.05 5.91 10.95
CA TRP B 575 16.45 5.97 10.53
C TRP B 575 17.39 6.41 11.64
N ALA B 576 16.92 6.42 12.89
CA ALA B 576 17.72 6.84 14.04
C ALA B 576 18.29 5.64 14.78
N GLU B 577 18.96 4.75 14.05
CA GLU B 577 19.58 3.59 14.70
C GLU B 577 20.71 4.03 15.64
N ALA B 578 21.44 5.07 15.26
CA ALA B 578 22.56 5.53 16.09
C ALA B 578 22.09 6.02 17.45
N THR B 579 20.90 6.62 17.51
CA THR B 579 20.39 7.11 18.79
C THR B 579 20.00 5.97 19.72
N VAL B 580 19.32 4.95 19.19
CA VAL B 580 18.91 3.83 20.02
C VAL B 580 20.11 2.96 20.40
N LEU B 581 21.18 2.98 19.61
CA LEU B 581 22.40 2.26 19.98
C LEU B 581 23.21 3.03 21.01
N GLY B 582 23.35 4.35 20.81
CA GLY B 582 24.09 5.14 21.78
C GLY B 582 23.42 5.17 23.14
N LEU B 583 22.09 5.21 23.17
CA LEU B 583 21.38 5.20 24.44
C LEU B 583 21.46 3.83 25.10
N ALA B 584 21.39 2.76 24.31
CA ALA B 584 21.55 1.42 24.86
C ALA B 584 22.96 1.20 25.39
N ALA B 585 23.96 1.81 24.75
CA ALA B 585 25.33 1.68 25.24
C ALA B 585 25.48 2.30 26.62
N ALA B 586 24.87 3.47 26.84
CA ALA B 586 24.90 4.08 28.17
C ALA B 586 24.13 3.24 29.18
N VAL B 587 23.13 2.49 28.73
CA VAL B 587 22.34 1.67 29.66
C VAL B 587 23.13 0.45 30.11
N GLU B 588 23.88 -0.17 29.19
CA GLU B 588 24.63 -1.36 29.57
C GLU B 588 25.84 -1.03 30.44
N GLU B 589 26.32 0.23 30.42
CA GLU B 589 27.33 0.64 31.39
C GLU B 589 26.75 0.68 32.80
N LEU B 590 25.48 1.09 32.92
CA LEU B 590 24.80 1.17 34.20
C LEU B 590 24.15 -0.14 34.61
N ALA B 591 24.13 -1.13 33.72
CA ALA B 591 23.54 -2.43 34.05
C ALA B 591 24.17 -3.50 33.16
N PRO B 592 25.40 -3.91 33.43
CA PRO B 592 26.03 -4.93 32.58
C PRO B 592 25.56 -6.33 32.94
N VAL B 593 25.52 -7.19 31.91
CA VAL B 593 25.12 -8.57 32.10
C VAL B 593 26.20 -9.27 32.93
N THR B 594 25.85 -9.65 34.16
CA THR B 594 26.81 -10.22 35.10
C THR B 594 26.59 -11.70 35.40
N LYS B 595 25.34 -12.16 35.42
CA LYS B 595 25.06 -13.56 35.70
C LYS B 595 25.31 -14.41 34.46
N LYS B 596 25.93 -15.57 34.67
CA LYS B 596 26.18 -16.55 33.62
C LYS B 596 24.96 -17.47 33.45
N PRO B 597 24.56 -17.76 32.22
CA PRO B 597 23.42 -18.65 32.01
C PRO B 597 23.71 -20.07 32.47
N ALA B 598 22.65 -20.80 32.75
CA ALA B 598 22.79 -22.20 33.14
C ALA B 598 23.43 -23.02 32.02
N ILE B 599 23.05 -22.73 30.78
CA ILE B 599 23.63 -23.38 29.61
C ILE B 599 24.55 -22.35 28.96
N PHE B 600 25.86 -22.51 29.18
CA PHE B 600 26.85 -21.61 28.63
C PHE B 600 28.07 -22.41 28.18
N TYR B 601 28.67 -21.98 27.07
CA TYR B 601 29.86 -22.64 26.54
C TYR B 601 30.93 -21.59 26.30
N ASP B 602 32.09 -21.78 26.90
CA ASP B 602 33.19 -20.82 26.86
C ASP B 602 34.22 -21.31 25.85
N ILE B 603 34.10 -20.82 24.61
CA ILE B 603 35.08 -21.06 23.57
C ILE B 603 36.27 -20.15 23.86
N LEU B 604 37.33 -20.25 23.04
CA LEU B 604 38.59 -19.54 23.26
C LEU B 604 39.38 -20.11 24.43
N ASN B 605 39.13 -21.38 24.74
CA ASN B 605 39.88 -22.08 25.79
C ASN B 605 39.96 -23.57 25.49
#